data_1A6Z
#
_entry.id   1A6Z
#
_cell.length_a   68.800
_cell.length_b   100.100
_cell.length_c   147.600
_cell.angle_alpha   90.00
_cell.angle_beta   90.00
_cell.angle_gamma   90.00
#
_symmetry.space_group_name_H-M   'P 21 21 21'
#
loop_
_entity.id
_entity.type
_entity.pdbx_description
1 polymer HFE
2 polymer BETA-2-MICROGLOBULIN
3 water water
#
loop_
_entity_poly.entity_id
_entity_poly.type
_entity_poly.pdbx_seq_one_letter_code
_entity_poly.pdbx_strand_id
1 'polypeptide(L)'
;RLLRSHSLHYLFMGASEQDLGLSLFEALGYVDDQLFVFYDHESRRVEPRTPWVSSRISSQMWLQLSQSLKGWDHMFTVDF
WTIMENHNHSKESHTLQVILGCEMQEDNSTEGYWKYGYDGQDHLEFCPDTLDWRAAEPRAWPTKLEWERHKIRARQNRAY
LERDCPAQLQQLLELGRGVLDQQVPPLVKVTHHVTSSVTTLRCRALNYYPQNITMKWLKDKQPMDAKEFEPKDVLPNGDG
TYQGWITLAVPPGEEQRYTCQVEHPGLDQPLIVIW
;
A,C
2 'polypeptide(L)'
;IQRTPKIQVYSRHPAENGKSNFLNCYVSGFHPSDIEVDLLKNGERIEKVEHSDLSFSKDWSFYLLYYTEFTPTEKDEYAC
RVNHVTLSQPKIVKWDRDM
;
B,D
#
# COMPACT_ATOMS: atom_id res chain seq x y z
N ARG A 4 -13.48 -18.46 24.34
CA ARG A 4 -13.98 -18.00 23.01
C ARG A 4 -12.99 -17.06 22.31
N SER A 5 -12.36 -17.59 21.26
CA SER A 5 -11.37 -16.84 20.48
C SER A 5 -11.98 -16.13 19.28
N HIS A 6 -11.22 -15.23 18.68
CA HIS A 6 -11.67 -14.50 17.51
C HIS A 6 -10.71 -14.60 16.35
N SER A 7 -11.25 -14.47 15.15
CA SER A 7 -10.43 -14.59 13.95
C SER A 7 -10.72 -13.56 12.87
N LEU A 8 -9.68 -13.31 12.07
CA LEU A 8 -9.74 -12.42 10.91
C LEU A 8 -8.85 -13.10 9.88
N HIS A 9 -9.39 -13.30 8.69
CA HIS A 9 -8.61 -13.92 7.63
C HIS A 9 -9.09 -13.47 6.28
N TYR A 10 -8.14 -13.32 5.36
CA TYR A 10 -8.46 -12.88 4.02
C TYR A 10 -8.27 -14.07 3.10
N LEU A 11 -9.01 -14.07 2.00
CA LEU A 11 -8.92 -15.15 1.02
C LEU A 11 -8.66 -14.48 -0.32
N PHE A 12 -7.67 -14.95 -1.06
CA PHE A 12 -7.39 -14.37 -2.36
C PHE A 12 -7.47 -15.48 -3.38
N MET A 13 -7.95 -15.16 -4.58
CA MET A 13 -8.07 -16.16 -5.64
C MET A 13 -7.96 -15.45 -6.97
N GLY A 14 -7.27 -16.09 -7.92
CA GLY A 14 -7.10 -15.52 -9.23
C GLY A 14 -6.61 -16.62 -10.16
N ALA A 15 -6.68 -16.38 -11.46
CA ALA A 15 -6.26 -17.35 -12.45
C ALA A 15 -5.47 -16.73 -13.58
N SER A 16 -4.63 -17.53 -14.21
CA SER A 16 -3.83 -17.06 -15.31
C SER A 16 -4.60 -17.41 -16.56
N GLU A 17 -4.10 -16.96 -17.69
CA GLU A 17 -4.75 -17.24 -18.96
C GLU A 17 -3.80 -17.97 -19.93
N GLN A 18 -4.36 -18.92 -20.68
CA GLN A 18 -3.60 -19.69 -21.66
C GLN A 18 -2.95 -18.76 -22.68
N ASP A 19 -1.69 -18.41 -22.42
CA ASP A 19 -0.91 -17.51 -23.28
C ASP A 19 -1.54 -16.12 -23.37
N LEU A 20 -2.76 -16.00 -22.84
CA LEU A 20 -3.46 -14.72 -22.83
C LEU A 20 -2.91 -13.96 -21.62
N GLY A 21 -2.26 -12.83 -21.88
CA GLY A 21 -1.70 -12.04 -20.80
C GLY A 21 -2.70 -11.75 -19.69
N LEU A 22 -2.19 -11.20 -18.59
CA LEU A 22 -3.00 -10.86 -17.44
C LEU A 22 -3.53 -12.11 -16.72
N SER A 23 -4.58 -11.90 -15.94
CA SER A 23 -5.18 -12.96 -15.16
C SER A 23 -6.61 -12.59 -14.71
N LEU A 24 -6.98 -13.12 -13.55
CA LEU A 24 -8.28 -12.89 -12.90
C LEU A 24 -7.91 -12.53 -11.45
N PHE A 25 -8.91 -12.19 -10.64
CA PHE A 25 -8.62 -11.87 -9.24
C PHE A 25 -9.86 -11.44 -8.42
N GLU A 26 -9.76 -11.67 -7.11
CA GLU A 26 -10.84 -11.36 -6.18
C GLU A 26 -10.37 -11.67 -4.77
N ALA A 27 -10.72 -10.83 -3.81
CA ALA A 27 -10.33 -11.04 -2.42
C ALA A 27 -11.57 -10.95 -1.52
N LEU A 28 -11.49 -11.58 -0.35
CA LEU A 28 -12.57 -11.58 0.63
C LEU A 28 -12.02 -11.50 2.06
N GLY A 29 -12.74 -10.80 2.92
CA GLY A 29 -12.30 -10.68 4.29
C GLY A 29 -13.36 -11.22 5.22
N TYR A 30 -12.95 -12.07 6.16
CA TYR A 30 -13.88 -12.67 7.11
C TYR A 30 -13.40 -12.40 8.52
N VAL A 31 -14.33 -12.10 9.41
CA VAL A 31 -13.98 -11.89 10.80
C VAL A 31 -14.94 -12.81 11.52
N ASP A 32 -14.41 -13.74 12.32
CA ASP A 32 -15.25 -14.71 13.01
C ASP A 32 -16.16 -15.38 11.99
N ASP A 33 -15.55 -15.79 10.87
CA ASP A 33 -16.26 -16.47 9.78
C ASP A 33 -17.42 -15.71 9.19
N GLN A 34 -17.42 -14.40 9.39
CA GLN A 34 -18.47 -13.54 8.87
C GLN A 34 -17.86 -12.69 7.78
N LEU A 35 -18.33 -12.84 6.54
CA LEU A 35 -17.78 -12.08 5.43
C LEU A 35 -18.15 -10.61 5.59
N PHE A 36 -17.14 -9.75 5.66
CA PHE A 36 -17.38 -8.33 5.82
C PHE A 36 -16.89 -7.49 4.65
N VAL A 37 -15.97 -8.02 3.85
CA VAL A 37 -15.48 -7.25 2.70
C VAL A 37 -15.20 -8.07 1.43
N PHE A 38 -15.53 -7.47 0.30
CA PHE A 38 -15.34 -8.10 -1.01
C PHE A 38 -14.49 -7.15 -1.83
N TYR A 39 -13.70 -7.70 -2.76
CA TYR A 39 -12.85 -6.88 -3.60
C TYR A 39 -12.73 -7.52 -4.95
N ASP A 40 -12.86 -6.72 -5.99
CA ASP A 40 -12.77 -7.22 -7.35
C ASP A 40 -11.57 -6.58 -8.02
N HIS A 41 -11.17 -7.12 -9.16
CA HIS A 41 -10.06 -6.54 -9.90
C HIS A 41 -10.72 -5.95 -11.14
N GLU A 42 -11.76 -6.63 -11.61
CA GLU A 42 -12.53 -6.21 -12.79
C GLU A 42 -13.16 -4.85 -12.54
N SER A 43 -13.69 -4.65 -11.33
CA SER A 43 -14.28 -3.37 -10.95
C SER A 43 -13.30 -2.54 -10.14
N ARG A 44 -12.38 -3.21 -9.45
CA ARG A 44 -11.36 -2.55 -8.64
C ARG A 44 -11.94 -1.76 -7.47
N ARG A 45 -13.19 -2.07 -7.12
CA ARG A 45 -13.89 -1.39 -6.03
C ARG A 45 -14.05 -2.30 -4.79
N VAL A 46 -13.87 -1.71 -3.62
CA VAL A 46 -13.99 -2.44 -2.36
C VAL A 46 -15.41 -2.33 -1.79
N GLU A 47 -16.23 -3.36 -2.00
CA GLU A 47 -17.59 -3.35 -1.48
C GLU A 47 -17.71 -3.91 -0.06
N PRO A 48 -18.75 -3.50 0.68
CA PRO A 48 -18.97 -3.98 2.06
C PRO A 48 -19.89 -5.20 2.01
N ARG A 49 -19.88 -5.99 3.07
CA ARG A 49 -20.71 -7.18 3.09
C ARG A 49 -21.56 -7.31 4.36
N THR A 50 -21.45 -6.32 5.23
CA THR A 50 -22.22 -6.29 6.46
C THR A 50 -22.59 -4.84 6.78
N PRO A 51 -23.66 -4.63 7.54
CA PRO A 51 -24.09 -3.28 7.91
C PRO A 51 -23.09 -2.50 8.77
N TRP A 52 -22.49 -3.18 9.76
CA TRP A 52 -21.54 -2.54 10.68
C TRP A 52 -20.17 -2.09 10.13
N VAL A 53 -19.83 -2.62 8.95
CA VAL A 53 -18.57 -2.27 8.31
C VAL A 53 -18.89 -1.71 6.92
N SER A 54 -19.42 -0.49 6.91
CA SER A 54 -19.81 0.17 5.66
C SER A 54 -18.75 1.16 5.13
N SER A 55 -18.88 1.51 3.85
CA SER A 55 -17.98 2.45 3.20
C SER A 55 -17.96 3.79 3.93
N ARG A 56 -19.12 4.42 4.02
CA ARG A 56 -19.27 5.71 4.69
C ARG A 56 -19.42 5.56 6.22
N ILE A 57 -20.11 4.51 6.66
CA ILE A 57 -20.32 4.26 8.09
C ILE A 57 -18.99 3.90 8.75
N SER A 58 -18.36 4.80 9.53
CA SER A 58 -17.07 4.56 10.17
C SER A 58 -16.06 4.28 9.06
N SER A 59 -15.93 5.23 8.14
CA SER A 59 -15.04 5.13 6.98
C SER A 59 -13.55 5.33 7.28
N GLN A 60 -13.18 5.39 8.56
CA GLN A 60 -11.78 5.55 8.93
C GLN A 60 -11.02 4.28 8.54
N MET A 61 -11.60 3.14 8.89
CA MET A 61 -11.03 1.82 8.60
C MET A 61 -11.17 1.45 7.12
N TRP A 62 -12.30 1.78 6.52
CA TRP A 62 -12.54 1.48 5.12
C TRP A 62 -11.46 2.07 4.22
N LEU A 63 -10.70 3.02 4.77
CA LEU A 63 -9.62 3.67 4.03
C LEU A 63 -8.40 2.75 3.93
N GLN A 64 -7.82 2.38 5.08
CA GLN A 64 -6.66 1.50 5.08
C GLN A 64 -7.03 0.08 4.61
N LEU A 65 -8.26 -0.34 4.91
CA LEU A 65 -8.71 -1.66 4.48
C LEU A 65 -8.77 -1.70 2.96
N SER A 66 -9.09 -0.55 2.36
CA SER A 66 -9.16 -0.47 0.91
C SER A 66 -7.72 -0.39 0.37
N GLN A 67 -6.80 0.08 1.20
CA GLN A 67 -5.39 0.19 0.81
C GLN A 67 -4.78 -1.21 0.96
N SER A 68 -5.03 -1.81 2.12
CA SER A 68 -4.53 -3.13 2.46
C SER A 68 -4.77 -4.15 1.33
N LEU A 69 -5.98 -4.14 0.77
CA LEU A 69 -6.34 -5.06 -0.31
C LEU A 69 -5.66 -4.73 -1.64
N LYS A 70 -5.61 -3.45 -2.00
CA LYS A 70 -4.97 -3.06 -3.25
C LYS A 70 -3.50 -3.47 -3.17
N GLY A 71 -2.94 -3.38 -1.97
CA GLY A 71 -1.55 -3.76 -1.78
C GLY A 71 -1.36 -5.25 -1.99
N TRP A 72 -2.23 -6.02 -1.35
CA TRP A 72 -2.19 -7.46 -1.46
C TRP A 72 -2.42 -7.88 -2.90
N ASP A 73 -3.24 -7.13 -3.61
CA ASP A 73 -3.51 -7.43 -5.00
C ASP A 73 -2.19 -7.43 -5.75
N HIS A 74 -1.39 -6.37 -5.59
CA HIS A 74 -0.09 -6.24 -6.24
C HIS A 74 0.84 -7.39 -5.88
N MET A 75 0.95 -7.63 -4.57
CA MET A 75 1.78 -8.70 -4.04
C MET A 75 1.34 -10.07 -4.60
N PHE A 76 0.04 -10.31 -4.60
CA PHE A 76 -0.52 -11.55 -5.13
C PHE A 76 -0.08 -11.69 -6.60
N THR A 77 -0.24 -10.62 -7.37
CA THR A 77 0.18 -10.65 -8.77
C THR A 77 1.66 -11.04 -8.92
N VAL A 78 2.53 -10.38 -8.13
CA VAL A 78 3.95 -10.68 -8.18
C VAL A 78 4.17 -12.14 -7.82
N ASP A 79 3.52 -12.57 -6.74
CA ASP A 79 3.64 -13.95 -6.28
C ASP A 79 3.16 -14.96 -7.34
N PHE A 80 2.01 -14.66 -7.94
CA PHE A 80 1.46 -15.52 -8.97
C PHE A 80 2.47 -15.73 -10.10
N TRP A 81 3.07 -14.62 -10.56
CA TRP A 81 4.04 -14.71 -11.63
C TRP A 81 5.26 -15.51 -11.20
N THR A 82 5.72 -15.26 -9.97
CA THR A 82 6.89 -15.94 -9.47
C THR A 82 6.67 -17.46 -9.44
N ILE A 83 5.53 -17.87 -8.88
CA ILE A 83 5.19 -19.28 -8.78
C ILE A 83 5.00 -19.89 -10.17
N MET A 84 4.26 -19.19 -11.02
CA MET A 84 4.04 -19.71 -12.36
C MET A 84 5.35 -19.86 -13.13
N GLU A 85 6.18 -18.83 -13.12
CA GLU A 85 7.44 -18.92 -13.85
C GLU A 85 8.37 -20.01 -13.28
N ASN A 86 8.22 -20.34 -12.00
CA ASN A 86 9.09 -21.36 -11.40
C ASN A 86 8.58 -22.78 -11.65
N HIS A 87 7.60 -22.90 -12.52
CA HIS A 87 7.05 -24.21 -12.91
C HIS A 87 7.26 -24.31 -14.41
N ASN A 88 7.76 -23.22 -14.99
CA ASN A 88 7.98 -23.15 -16.42
C ASN A 88 6.59 -23.29 -17.03
N HIS A 89 5.64 -22.50 -16.49
CA HIS A 89 4.24 -22.48 -16.94
C HIS A 89 3.95 -21.17 -17.69
N SER A 90 3.43 -21.26 -18.91
CA SER A 90 3.16 -20.06 -19.69
C SER A 90 1.91 -20.11 -20.57
N LYS A 91 1.93 -21.04 -21.52
CA LYS A 91 0.81 -21.22 -22.45
C LYS A 91 -0.30 -21.99 -21.76
N GLU A 92 -0.05 -22.31 -20.49
CA GLU A 92 -0.99 -23.04 -19.67
C GLU A 92 -1.87 -22.08 -18.87
N SER A 93 -3.03 -22.56 -18.40
CA SER A 93 -3.92 -21.74 -17.59
C SER A 93 -3.81 -22.27 -16.15
N HIS A 94 -3.54 -21.40 -15.20
CA HIS A 94 -3.38 -21.85 -13.82
C HIS A 94 -4.09 -20.97 -12.83
N THR A 95 -4.21 -21.47 -11.61
CA THR A 95 -4.84 -20.71 -10.55
C THR A 95 -3.94 -20.59 -9.33
N LEU A 96 -4.13 -19.51 -8.59
CA LEU A 96 -3.38 -19.31 -7.35
C LEU A 96 -4.37 -18.84 -6.30
N GLN A 97 -4.33 -19.46 -5.14
CA GLN A 97 -5.20 -19.07 -4.04
C GLN A 97 -4.35 -18.82 -2.82
N VAL A 98 -4.71 -17.81 -2.04
CA VAL A 98 -3.98 -17.51 -0.83
C VAL A 98 -4.97 -17.37 0.30
N ILE A 99 -4.51 -17.75 1.48
CA ILE A 99 -5.31 -17.66 2.69
C ILE A 99 -4.32 -17.13 3.72
N LEU A 100 -4.72 -16.07 4.42
CA LEU A 100 -3.86 -15.49 5.46
C LEU A 100 -4.76 -14.82 6.48
N GLY A 101 -4.31 -14.83 7.73
CA GLY A 101 -5.09 -14.24 8.79
C GLY A 101 -4.45 -14.55 10.11
N CYS A 102 -5.15 -14.23 11.19
CA CYS A 102 -4.65 -14.43 12.53
C CYS A 102 -5.78 -14.90 13.43
N GLU A 103 -5.42 -15.66 14.45
CA GLU A 103 -6.37 -16.20 15.40
C GLU A 103 -5.98 -15.73 16.81
N MET A 104 -6.75 -14.79 17.35
CA MET A 104 -6.53 -14.24 18.68
C MET A 104 -7.27 -15.04 19.77
N GLN A 105 -6.58 -15.35 20.85
CA GLN A 105 -7.20 -16.12 21.93
C GLN A 105 -7.83 -15.20 22.98
N GLU A 106 -8.61 -15.80 23.89
CA GLU A 106 -9.28 -15.04 24.95
C GLU A 106 -8.28 -14.18 25.72
N ASP A 107 -7.01 -14.58 25.65
CA ASP A 107 -5.93 -13.91 26.35
C ASP A 107 -5.04 -13.00 25.50
N ASN A 108 -5.46 -12.71 24.28
CA ASN A 108 -4.69 -11.84 23.39
C ASN A 108 -3.42 -12.46 22.78
N SER A 109 -3.19 -13.74 23.03
CA SER A 109 -2.04 -14.44 22.46
C SER A 109 -2.42 -14.81 21.03
N THR A 110 -1.65 -14.34 20.05
CA THR A 110 -1.98 -14.58 18.65
C THR A 110 -1.24 -15.70 17.91
N GLU A 111 -1.96 -16.29 16.95
CA GLU A 111 -1.44 -17.34 16.10
C GLU A 111 -1.78 -16.92 14.66
N GLY A 112 -0.77 -16.87 13.80
CA GLY A 112 -1.04 -16.47 12.42
C GLY A 112 -0.67 -17.49 11.37
N TYR A 113 -1.15 -17.28 10.15
CA TYR A 113 -0.85 -18.21 9.08
C TYR A 113 -0.93 -17.49 7.74
N TRP A 114 -0.27 -18.09 6.76
CA TRP A 114 -0.19 -17.56 5.41
C TRP A 114 0.08 -18.80 4.54
N LYS A 115 -0.90 -19.19 3.75
CA LYS A 115 -0.79 -20.38 2.91
C LYS A 115 -1.06 -20.08 1.44
N TYR A 116 -0.30 -20.75 0.57
CA TYR A 116 -0.45 -20.59 -0.86
C TYR A 116 -0.93 -21.90 -1.50
N GLY A 117 -1.98 -21.80 -2.32
CA GLY A 117 -2.51 -22.95 -3.04
C GLY A 117 -2.35 -22.74 -4.54
N TYR A 118 -1.69 -23.67 -5.21
CA TYR A 118 -1.46 -23.55 -6.64
C TYR A 118 -2.21 -24.63 -7.41
N ASP A 119 -3.07 -24.21 -8.31
CA ASP A 119 -3.85 -25.19 -9.06
C ASP A 119 -4.59 -26.08 -8.08
N GLY A 120 -5.21 -25.45 -7.08
CA GLY A 120 -6.01 -26.17 -6.09
C GLY A 120 -5.31 -27.11 -5.12
N GLN A 121 -3.99 -27.05 -5.06
CA GLN A 121 -3.24 -27.91 -4.14
C GLN A 121 -2.32 -27.11 -3.24
N ASP A 122 -2.10 -27.62 -2.05
CA ASP A 122 -1.20 -26.96 -1.11
C ASP A 122 0.11 -26.75 -1.90
N HIS A 123 0.78 -25.63 -1.68
CA HIS A 123 2.02 -25.35 -2.38
C HIS A 123 3.09 -24.80 -1.45
N LEU A 124 2.81 -23.65 -0.87
CA LEU A 124 3.77 -23.06 0.04
C LEU A 124 3.02 -22.63 1.28
N GLU A 125 3.65 -22.80 2.43
CA GLU A 125 3.03 -22.40 3.67
C GLU A 125 4.02 -21.71 4.56
N PHE A 126 3.64 -20.50 4.99
CA PHE A 126 4.49 -19.71 5.84
C PHE A 126 4.55 -20.31 7.23
N CYS A 127 5.76 -20.41 7.76
CA CYS A 127 6.01 -20.92 9.10
C CYS A 127 6.67 -19.75 9.81
N PRO A 128 5.86 -18.91 10.49
CA PRO A 128 6.35 -17.73 11.22
C PRO A 128 7.45 -17.99 12.27
N ASP A 129 7.25 -19.06 13.05
CA ASP A 129 8.17 -19.42 14.11
C ASP A 129 9.61 -19.57 13.63
N THR A 130 9.77 -20.21 12.48
CA THR A 130 11.09 -20.45 11.91
C THR A 130 11.46 -19.44 10.80
N LEU A 131 10.61 -18.44 10.61
CA LEU A 131 10.83 -17.42 9.59
C LEU A 131 11.21 -18.04 8.25
N ASP A 132 10.37 -18.94 7.74
CA ASP A 132 10.65 -19.54 6.45
C ASP A 132 9.36 -20.12 5.87
N TRP A 133 9.47 -20.89 4.78
CA TRP A 133 8.29 -21.47 4.17
C TRP A 133 8.44 -22.94 3.97
N ARG A 134 7.33 -23.66 4.10
CA ARG A 134 7.33 -25.10 3.88
C ARG A 134 6.85 -25.33 2.45
N ALA A 135 7.64 -26.05 1.67
CA ALA A 135 7.26 -26.36 0.30
C ALA A 135 6.48 -27.66 0.42
N ALA A 136 5.22 -27.64 0.05
CA ALA A 136 4.38 -28.82 0.14
C ALA A 136 4.68 -29.86 -0.94
N GLU A 137 5.39 -29.44 -1.99
CA GLU A 137 5.72 -30.33 -3.09
C GLU A 137 6.99 -29.85 -3.78
N PRO A 138 7.79 -30.77 -4.33
CA PRO A 138 9.04 -30.41 -5.02
C PRO A 138 9.03 -29.11 -5.83
N ARG A 139 8.10 -29.01 -6.76
CA ARG A 139 8.03 -27.84 -7.62
C ARG A 139 7.84 -26.48 -6.91
N ALA A 140 7.68 -26.50 -5.59
CA ALA A 140 7.53 -25.27 -4.80
C ALA A 140 8.85 -24.80 -4.17
N TRP A 141 9.85 -25.68 -4.16
CA TRP A 141 11.16 -25.34 -3.59
C TRP A 141 11.86 -24.15 -4.27
N PRO A 142 11.81 -24.05 -5.61
CA PRO A 142 12.49 -22.91 -6.26
C PRO A 142 11.99 -21.59 -5.72
N THR A 143 10.67 -21.53 -5.48
CA THR A 143 10.03 -20.34 -4.96
C THR A 143 10.41 -20.16 -3.50
N LYS A 144 10.43 -21.27 -2.77
CA LYS A 144 10.78 -21.23 -1.36
C LYS A 144 12.18 -20.65 -1.23
N LEU A 145 13.10 -21.15 -2.04
CA LEU A 145 14.47 -20.64 -2.00
C LEU A 145 14.54 -19.15 -2.37
N GLU A 146 13.69 -18.72 -3.29
CA GLU A 146 13.71 -17.32 -3.67
C GLU A 146 13.31 -16.45 -2.49
N TRP A 147 12.18 -16.77 -1.88
CA TRP A 147 11.66 -16.00 -0.76
C TRP A 147 12.54 -16.05 0.45
N GLU A 148 13.37 -17.08 0.51
CA GLU A 148 14.24 -17.25 1.66
C GLU A 148 15.62 -16.61 1.50
N ARG A 149 15.94 -16.08 0.32
CA ARG A 149 17.25 -15.47 0.11
C ARG A 149 17.54 -14.32 1.07
N HIS A 150 16.51 -13.55 1.43
CA HIS A 150 16.67 -12.44 2.37
C HIS A 150 15.55 -12.56 3.40
N LYS A 151 15.95 -12.82 4.65
CA LYS A 151 14.99 -13.01 5.73
C LYS A 151 14.04 -11.83 5.91
N ILE A 152 14.38 -10.68 5.35
CA ILE A 152 13.52 -9.52 5.51
C ILE A 152 12.06 -9.81 5.10
N ARG A 153 11.87 -10.58 4.03
CA ARG A 153 10.52 -10.88 3.61
C ARG A 153 9.77 -11.63 4.69
N ALA A 154 10.39 -12.68 5.22
CA ALA A 154 9.72 -13.45 6.26
C ALA A 154 9.46 -12.53 7.46
N ARG A 155 10.43 -11.72 7.82
CA ARG A 155 10.28 -10.81 8.95
C ARG A 155 9.08 -9.87 8.80
N GLN A 156 8.92 -9.27 7.63
CA GLN A 156 7.79 -8.37 7.41
C GLN A 156 6.49 -9.17 7.47
N ASN A 157 6.49 -10.33 6.81
CA ASN A 157 5.31 -11.20 6.77
C ASN A 157 4.87 -11.56 8.17
N ARG A 158 5.80 -12.02 9.00
CA ARG A 158 5.47 -12.39 10.37
C ARG A 158 4.98 -11.19 11.14
N ALA A 159 5.60 -10.04 10.88
CA ALA A 159 5.21 -8.82 11.56
C ALA A 159 3.75 -8.51 11.23
N TYR A 160 3.34 -8.74 9.99
CA TYR A 160 1.95 -8.49 9.67
C TYR A 160 1.05 -9.42 10.49
N LEU A 161 1.36 -10.71 10.45
CA LEU A 161 0.55 -11.70 11.15
C LEU A 161 0.46 -11.56 12.66
N GLU A 162 1.53 -11.09 13.29
CA GLU A 162 1.53 -10.97 14.74
C GLU A 162 1.20 -9.61 15.31
N ARG A 163 1.29 -8.59 14.48
CA ARG A 163 1.02 -7.23 14.93
C ARG A 163 -0.13 -6.59 14.16
N ASP A 164 0.14 -6.23 12.91
CA ASP A 164 -0.86 -5.59 12.07
C ASP A 164 -2.23 -6.30 12.06
N CYS A 165 -2.23 -7.59 11.74
CA CYS A 165 -3.47 -8.35 11.68
C CYS A 165 -4.30 -8.31 12.97
N PRO A 166 -3.70 -8.68 14.11
CA PRO A 166 -4.47 -8.66 15.36
C PRO A 166 -5.04 -7.27 15.68
N ALA A 167 -4.28 -6.24 15.38
CA ALA A 167 -4.74 -4.89 15.64
C ALA A 167 -5.94 -4.60 14.77
N GLN A 168 -5.94 -5.09 13.53
CA GLN A 168 -7.07 -4.86 12.66
C GLN A 168 -8.28 -5.68 13.12
N LEU A 169 -8.02 -6.81 13.77
CA LEU A 169 -9.08 -7.67 14.25
C LEU A 169 -9.79 -6.96 15.38
N GLN A 170 -9.01 -6.46 16.34
CA GLN A 170 -9.53 -5.73 17.48
C GLN A 170 -10.41 -4.59 17.02
N GLN A 171 -9.89 -3.78 16.10
CA GLN A 171 -10.62 -2.64 15.57
C GLN A 171 -11.93 -3.07 14.92
N LEU A 172 -11.94 -4.25 14.31
CA LEU A 172 -13.14 -4.75 13.66
C LEU A 172 -14.12 -5.29 14.69
N LEU A 173 -13.60 -5.99 15.69
CA LEU A 173 -14.41 -6.56 16.75
C LEU A 173 -15.12 -5.43 17.47
N GLU A 174 -14.61 -4.21 17.26
CA GLU A 174 -15.16 -3.01 17.86
C GLU A 174 -16.47 -2.64 17.17
N LEU A 175 -16.38 -2.08 15.98
CA LEU A 175 -17.59 -1.69 15.25
C LEU A 175 -18.46 -2.90 14.95
N GLY A 176 -18.05 -4.06 15.44
CA GLY A 176 -18.79 -5.28 15.22
C GLY A 176 -19.71 -5.66 16.36
N ARG A 177 -19.32 -5.31 17.59
CA ARG A 177 -20.12 -5.60 18.78
C ARG A 177 -21.58 -5.22 18.56
N GLY A 178 -22.48 -6.15 18.90
CA GLY A 178 -23.90 -5.90 18.74
C GLY A 178 -24.46 -6.62 17.54
N VAL A 179 -23.64 -6.85 16.53
CA VAL A 179 -24.10 -7.54 15.33
C VAL A 179 -23.32 -8.84 15.13
N LEU A 180 -22.01 -8.75 15.32
CA LEU A 180 -21.13 -9.90 15.14
C LEU A 180 -21.41 -10.99 16.17
N ASP A 181 -21.43 -10.60 17.43
CA ASP A 181 -21.68 -11.51 18.54
C ASP A 181 -23.16 -11.87 18.62
N GLN A 182 -23.98 -11.20 17.81
CA GLN A 182 -25.41 -11.45 17.81
C GLN A 182 -25.76 -12.83 17.27
N GLN A 183 -26.43 -13.63 18.10
CA GLN A 183 -26.83 -14.95 17.66
C GLN A 183 -28.34 -15.10 17.59
N VAL A 184 -28.84 -15.63 16.48
CA VAL A 184 -30.27 -15.86 16.31
C VAL A 184 -30.48 -17.37 16.26
N PRO A 185 -31.31 -17.90 17.16
CA PRO A 185 -31.61 -19.33 17.24
C PRO A 185 -32.37 -19.84 16.03
N PRO A 186 -32.31 -21.15 15.79
CA PRO A 186 -33.01 -21.77 14.67
C PRO A 186 -34.46 -22.10 14.97
N LEU A 187 -35.25 -22.12 13.91
CA LEU A 187 -36.65 -22.51 13.98
C LEU A 187 -36.52 -23.99 13.68
N VAL A 188 -37.00 -24.84 14.57
CA VAL A 188 -36.88 -26.26 14.32
C VAL A 188 -38.19 -26.91 13.89
N LYS A 189 -38.15 -27.62 12.78
CA LYS A 189 -39.34 -28.30 12.25
C LYS A 189 -39.04 -29.73 11.85
N VAL A 190 -39.97 -30.62 12.16
CA VAL A 190 -39.82 -32.02 11.83
C VAL A 190 -40.86 -32.41 10.81
N THR A 191 -40.45 -32.53 9.55
CA THR A 191 -41.39 -32.91 8.49
C THR A 191 -41.24 -34.41 8.28
N HIS A 192 -42.06 -34.99 7.40
CA HIS A 192 -42.01 -36.43 7.15
C HIS A 192 -42.51 -36.81 5.76
N HIS A 193 -42.07 -37.97 5.29
CA HIS A 193 -42.46 -38.52 4.00
C HIS A 193 -42.82 -39.96 4.30
N VAL A 194 -44.11 -40.27 4.22
CA VAL A 194 -44.61 -41.60 4.51
C VAL A 194 -44.91 -42.49 3.30
N THR A 195 -44.56 -43.76 3.43
CA THR A 195 -44.82 -44.79 2.42
C THR A 195 -45.15 -46.07 3.18
N SER A 196 -45.60 -47.08 2.47
CA SER A 196 -45.99 -48.33 3.11
C SER A 196 -44.87 -49.06 3.80
N SER A 197 -43.65 -48.89 3.27
CA SER A 197 -42.53 -49.62 3.83
C SER A 197 -41.69 -48.87 4.86
N VAL A 198 -41.66 -47.56 4.74
CA VAL A 198 -40.84 -46.77 5.67
C VAL A 198 -41.27 -45.32 5.72
N THR A 199 -41.03 -44.67 6.84
CA THR A 199 -41.35 -43.25 6.97
C THR A 199 -40.02 -42.54 7.15
N THR A 200 -39.82 -41.47 6.38
CA THR A 200 -38.60 -40.69 6.49
C THR A 200 -38.83 -39.43 7.30
N LEU A 201 -38.18 -39.33 8.46
CA LEU A 201 -38.30 -38.15 9.29
C LEU A 201 -37.20 -37.17 8.89
N ARG A 202 -37.54 -35.90 8.88
CA ARG A 202 -36.60 -34.86 8.51
C ARG A 202 -36.66 -33.77 9.56
N CYS A 203 -35.51 -33.41 10.11
CA CYS A 203 -35.49 -32.38 11.11
C CYS A 203 -34.66 -31.22 10.56
N ARG A 204 -35.28 -30.06 10.47
CA ARG A 204 -34.61 -28.89 9.92
C ARG A 204 -34.45 -27.77 10.95
N ALA A 205 -33.31 -27.12 10.91
CA ALA A 205 -33.03 -26.01 11.80
C ALA A 205 -32.92 -24.87 10.80
N LEU A 206 -33.76 -23.85 10.95
CA LEU A 206 -33.78 -22.76 9.98
C LEU A 206 -33.42 -21.37 10.41
N ASN A 207 -32.92 -20.62 9.43
CA ASN A 207 -32.54 -19.21 9.56
C ASN A 207 -31.77 -18.87 10.84
N TYR A 208 -30.75 -19.67 11.16
CA TYR A 208 -29.98 -19.45 12.38
C TYR A 208 -28.58 -18.91 12.14
N TYR A 209 -27.87 -18.59 13.22
CA TYR A 209 -26.54 -18.01 13.14
C TYR A 209 -25.97 -17.77 14.54
N PRO A 210 -24.69 -18.07 14.76
CA PRO A 210 -23.66 -18.60 13.83
C PRO A 210 -23.99 -20.00 13.32
N GLN A 211 -23.18 -20.48 12.37
CA GLN A 211 -23.43 -21.80 11.76
C GLN A 211 -23.26 -23.04 12.60
N ASN A 212 -22.34 -23.02 13.56
CA ASN A 212 -22.15 -24.20 14.37
C ASN A 212 -23.42 -24.50 15.16
N ILE A 213 -23.92 -25.72 14.99
CA ILE A 213 -25.14 -26.17 15.63
C ILE A 213 -25.07 -27.66 15.95
N THR A 214 -25.99 -28.15 16.78
CA THR A 214 -26.03 -29.55 17.16
C THR A 214 -27.42 -30.13 16.92
N MET A 215 -27.48 -31.19 16.14
CA MET A 215 -28.75 -31.82 15.82
C MET A 215 -28.64 -33.32 15.97
N LYS A 216 -29.59 -33.91 16.70
CA LYS A 216 -29.57 -35.36 16.88
C LYS A 216 -30.96 -35.93 17.10
N TRP A 217 -31.09 -37.22 16.82
CA TRP A 217 -32.36 -37.93 17.01
C TRP A 217 -32.44 -38.60 18.37
N LEU A 218 -33.64 -38.64 18.92
CA LEU A 218 -33.86 -39.26 20.21
C LEU A 218 -34.92 -40.33 20.02
N LYS A 219 -34.62 -41.52 20.52
CA LYS A 219 -35.55 -42.64 20.45
C LYS A 219 -36.03 -42.89 21.88
N ASP A 220 -37.33 -42.69 22.09
CA ASP A 220 -37.94 -42.85 23.41
C ASP A 220 -37.32 -41.85 24.40
N LYS A 221 -37.22 -40.59 23.97
CA LYS A 221 -36.65 -39.53 24.78
C LYS A 221 -35.19 -39.76 25.13
N GLN A 222 -34.59 -40.82 24.60
CA GLN A 222 -33.19 -41.09 24.90
C GLN A 222 -32.31 -41.03 23.67
N PRO A 223 -31.06 -40.56 23.83
CA PRO A 223 -30.08 -40.43 22.75
C PRO A 223 -29.88 -41.69 21.95
N MET A 224 -29.65 -41.51 20.65
CA MET A 224 -29.44 -42.60 19.71
C MET A 224 -27.97 -42.57 19.34
N ASP A 225 -27.35 -43.74 19.27
CA ASP A 225 -25.95 -43.82 18.90
C ASP A 225 -25.73 -42.97 17.66
N ALA A 226 -24.72 -42.10 17.71
CA ALA A 226 -24.39 -41.19 16.61
C ALA A 226 -24.33 -41.88 15.24
N LYS A 227 -23.91 -43.14 15.24
CA LYS A 227 -23.77 -43.93 14.03
C LYS A 227 -25.08 -44.50 13.48
N GLU A 228 -26.20 -43.95 13.94
CA GLU A 228 -27.53 -44.39 13.51
C GLU A 228 -28.13 -43.49 12.42
N PHE A 229 -27.61 -42.27 12.32
CA PHE A 229 -28.07 -41.29 11.34
C PHE A 229 -26.86 -40.49 10.89
N GLU A 230 -26.73 -40.28 9.59
CA GLU A 230 -25.62 -39.51 9.06
C GLU A 230 -25.60 -38.20 9.84
N PRO A 231 -24.42 -37.56 9.97
CA PRO A 231 -24.35 -36.28 10.72
C PRO A 231 -25.16 -35.20 10.00
N LYS A 232 -25.39 -34.07 10.66
CA LYS A 232 -26.16 -33.00 10.02
C LYS A 232 -25.53 -32.53 8.72
N ASP A 233 -26.27 -31.72 7.99
CA ASP A 233 -25.82 -31.14 6.75
C ASP A 233 -26.10 -29.67 7.00
N VAL A 234 -25.08 -28.82 6.83
CA VAL A 234 -25.24 -27.39 7.08
C VAL A 234 -25.07 -26.60 5.80
N LEU A 235 -26.09 -25.82 5.49
CA LEU A 235 -26.09 -25.05 4.27
C LEU A 235 -26.38 -23.61 4.53
N PRO A 236 -25.88 -22.74 3.66
CA PRO A 236 -26.12 -21.32 3.81
C PRO A 236 -27.34 -20.86 3.02
N ASN A 237 -27.88 -19.73 3.46
CA ASN A 237 -29.00 -19.06 2.82
C ASN A 237 -28.28 -17.82 2.33
N GLY A 238 -28.71 -17.22 1.25
CA GLY A 238 -27.98 -16.06 0.78
C GLY A 238 -27.92 -14.88 1.74
N ASP A 239 -28.88 -14.82 2.67
CA ASP A 239 -29.02 -13.71 3.61
C ASP A 239 -28.13 -13.68 4.84
N GLY A 240 -27.11 -14.53 4.91
CA GLY A 240 -26.26 -14.50 6.08
C GLY A 240 -26.67 -15.44 7.20
N THR A 241 -27.74 -16.21 6.99
CA THR A 241 -28.16 -17.15 8.01
C THR A 241 -27.88 -18.56 7.48
N TYR A 242 -28.08 -19.56 8.32
CA TYR A 242 -27.84 -20.92 7.91
C TYR A 242 -29.01 -21.81 8.26
N GLN A 243 -29.00 -23.01 7.69
CA GLN A 243 -29.99 -24.03 7.97
C GLN A 243 -29.28 -25.39 7.96
N GLY A 244 -29.85 -26.34 8.69
CA GLY A 244 -29.29 -27.67 8.74
C GLY A 244 -30.36 -28.72 8.82
N TRP A 245 -30.02 -29.95 8.52
CA TRP A 245 -31.02 -31.00 8.63
C TRP A 245 -30.44 -32.37 8.85
N ILE A 246 -31.23 -33.21 9.47
CA ILE A 246 -30.84 -34.59 9.68
C ILE A 246 -32.02 -35.45 9.24
N THR A 247 -31.73 -36.69 8.87
CA THR A 247 -32.75 -37.61 8.40
C THR A 247 -32.77 -38.90 9.19
N LEU A 248 -33.92 -39.54 9.24
CA LEU A 248 -34.06 -40.81 9.95
C LEU A 248 -35.15 -41.64 9.31
N ALA A 249 -34.78 -42.85 8.89
CA ALA A 249 -35.76 -43.76 8.29
C ALA A 249 -36.28 -44.70 9.37
N VAL A 250 -37.59 -44.70 9.59
CA VAL A 250 -38.19 -45.56 10.60
C VAL A 250 -39.43 -46.32 10.10
N PRO A 251 -39.78 -47.43 10.79
CA PRO A 251 -40.95 -48.20 10.37
C PRO A 251 -42.21 -47.36 10.56
N PRO A 252 -43.12 -47.37 9.57
CA PRO A 252 -44.35 -46.57 9.73
C PRO A 252 -45.06 -46.97 11.03
N GLY A 253 -45.56 -45.98 11.76
CA GLY A 253 -46.22 -46.26 13.02
C GLY A 253 -45.33 -45.82 14.17
N GLU A 254 -44.04 -46.18 14.10
CA GLU A 254 -43.06 -45.84 15.12
C GLU A 254 -42.64 -44.36 15.19
N GLU A 255 -43.11 -43.55 14.25
CA GLU A 255 -42.73 -42.13 14.22
C GLU A 255 -42.66 -41.48 15.60
N GLN A 256 -43.78 -41.54 16.32
CA GLN A 256 -43.89 -40.97 17.66
C GLN A 256 -42.73 -41.29 18.60
N ARG A 257 -42.10 -42.45 18.46
CA ARG A 257 -40.98 -42.79 19.34
C ARG A 257 -39.73 -41.96 19.07
N TYR A 258 -39.76 -41.20 17.98
CA TYR A 258 -38.59 -40.38 17.63
C TYR A 258 -38.86 -38.89 17.71
N THR A 259 -37.87 -38.20 18.27
CA THR A 259 -37.94 -36.75 18.44
C THR A 259 -36.60 -36.15 18.00
N CYS A 260 -36.65 -34.88 17.63
CA CYS A 260 -35.46 -34.20 17.20
C CYS A 260 -34.97 -33.29 18.31
N GLN A 261 -33.67 -33.33 18.59
CA GLN A 261 -33.11 -32.46 19.61
C GLN A 261 -32.07 -31.57 18.96
N VAL A 262 -32.25 -30.27 19.11
CA VAL A 262 -31.34 -29.30 18.53
C VAL A 262 -30.74 -28.38 19.59
N GLU A 263 -29.44 -28.15 19.50
CA GLU A 263 -28.76 -27.28 20.45
C GLU A 263 -27.99 -26.22 19.69
N HIS A 264 -28.09 -24.98 20.18
CA HIS A 264 -27.42 -23.83 19.58
C HIS A 264 -27.26 -22.78 20.67
N PRO A 265 -26.15 -22.02 20.64
CA PRO A 265 -25.93 -20.99 21.65
C PRO A 265 -27.09 -19.97 21.74
N GLY A 266 -27.84 -19.83 20.65
CA GLY A 266 -28.94 -18.89 20.64
C GLY A 266 -30.10 -19.42 21.47
N LEU A 267 -30.10 -20.72 21.72
CA LEU A 267 -31.17 -21.36 22.50
C LEU A 267 -30.76 -21.45 23.97
N ASP A 268 -31.69 -21.15 24.86
CA ASP A 268 -31.39 -21.19 26.29
C ASP A 268 -31.06 -22.61 26.78
N GLN A 269 -31.69 -23.59 26.17
CA GLN A 269 -31.44 -25.00 26.49
C GLN A 269 -31.86 -25.81 25.27
N PRO A 270 -31.44 -27.09 25.22
CA PRO A 270 -31.80 -27.94 24.08
C PRO A 270 -33.28 -27.88 23.77
N LEU A 271 -33.59 -27.77 22.48
CA LEU A 271 -34.96 -27.70 21.98
C LEU A 271 -35.34 -29.05 21.38
N ILE A 272 -36.45 -29.62 21.85
CA ILE A 272 -36.89 -30.93 21.38
C ILE A 272 -38.21 -30.83 20.63
N VAL A 273 -38.21 -31.26 19.38
CA VAL A 273 -39.40 -31.19 18.52
C VAL A 273 -39.97 -32.57 18.16
N ILE A 274 -41.30 -32.67 18.18
CA ILE A 274 -42.03 -33.91 17.86
C ILE A 274 -42.38 -33.99 16.37
N TRP A 275 -42.59 -35.22 15.88
CA TRP A 275 -42.92 -35.46 14.48
C TRP A 275 -44.34 -35.03 14.09
N ILE B 1 -5.16 -30.50 -9.43
CA ILE B 1 -6.25 -31.50 -9.59
C ILE B 1 -7.58 -30.82 -9.90
N GLN B 2 -8.49 -31.55 -10.51
CA GLN B 2 -9.80 -31.02 -10.82
C GLN B 2 -10.81 -31.76 -9.94
N ARG B 3 -11.82 -31.04 -9.50
CA ARG B 3 -12.87 -31.62 -8.66
C ARG B 3 -14.23 -31.26 -9.21
N THR B 4 -15.11 -32.25 -9.32
CA THR B 4 -16.45 -31.97 -9.82
C THR B 4 -17.31 -31.38 -8.69
N PRO B 5 -18.23 -30.46 -9.04
CA PRO B 5 -19.09 -29.83 -8.05
C PRO B 5 -20.11 -30.76 -7.42
N LYS B 6 -20.39 -30.50 -6.16
CA LYS B 6 -21.41 -31.23 -5.43
C LYS B 6 -22.57 -30.23 -5.59
N ILE B 7 -23.78 -30.74 -5.81
CA ILE B 7 -24.93 -29.88 -6.02
C ILE B 7 -26.06 -30.18 -5.06
N GLN B 8 -26.53 -29.15 -4.38
CA GLN B 8 -27.62 -29.35 -3.44
C GLN B 8 -28.67 -28.27 -3.68
N VAL B 9 -29.91 -28.69 -3.88
CA VAL B 9 -30.99 -27.73 -4.09
C VAL B 9 -31.96 -27.87 -2.93
N TYR B 10 -32.37 -26.75 -2.36
CA TYR B 10 -33.25 -26.76 -1.21
C TYR B 10 -33.98 -25.44 -1.10
N SER B 11 -34.94 -25.38 -0.19
CA SER B 11 -35.72 -24.18 0.02
C SER B 11 -35.29 -23.47 1.29
N ARG B 12 -35.55 -22.17 1.37
CA ARG B 12 -35.21 -21.39 2.56
C ARG B 12 -36.01 -21.94 3.73
N HIS B 13 -37.32 -22.10 3.53
CA HIS B 13 -38.28 -22.64 4.52
C HIS B 13 -38.98 -23.82 3.92
N PRO B 14 -39.60 -24.66 4.76
CA PRO B 14 -40.32 -25.82 4.21
C PRO B 14 -41.41 -25.31 3.23
N ALA B 15 -41.48 -25.90 2.05
CA ALA B 15 -42.42 -25.44 1.05
C ALA B 15 -43.91 -25.55 1.38
N GLU B 16 -44.61 -24.43 1.22
CA GLU B 16 -46.06 -24.33 1.44
C GLU B 16 -46.63 -23.60 0.22
N ASN B 17 -47.36 -24.32 -0.63
CA ASN B 17 -47.92 -23.73 -1.85
C ASN B 17 -48.50 -22.34 -1.65
N GLY B 18 -48.19 -21.45 -2.59
CA GLY B 18 -48.70 -20.08 -2.49
C GLY B 18 -47.95 -19.20 -1.52
N LYS B 19 -47.14 -19.80 -0.65
CA LYS B 19 -46.37 -19.03 0.31
C LYS B 19 -45.00 -18.69 -0.28
N SER B 20 -44.60 -17.43 -0.16
CA SER B 20 -43.32 -16.99 -0.68
C SER B 20 -42.17 -17.77 -0.03
N ASN B 21 -41.12 -18.02 -0.82
CA ASN B 21 -39.97 -18.76 -0.33
C ASN B 21 -38.71 -18.39 -1.11
N PHE B 22 -37.73 -19.27 -1.04
CA PHE B 22 -36.47 -19.07 -1.75
C PHE B 22 -35.95 -20.41 -2.21
N LEU B 23 -35.55 -20.47 -3.47
CA LEU B 23 -34.99 -21.70 -4.00
C LEU B 23 -33.48 -21.53 -4.01
N ASN B 24 -32.77 -22.46 -3.38
CA ASN B 24 -31.31 -22.37 -3.34
C ASN B 24 -30.63 -23.54 -4.00
N CYS B 25 -29.50 -23.24 -4.64
CA CYS B 25 -28.66 -24.24 -5.27
C CYS B 25 -27.25 -23.94 -4.79
N TYR B 26 -26.72 -24.83 -3.96
CA TYR B 26 -25.39 -24.66 -3.40
C TYR B 26 -24.40 -25.60 -4.11
N VAL B 27 -23.45 -25.02 -4.82
CA VAL B 27 -22.45 -25.84 -5.50
C VAL B 27 -21.18 -25.70 -4.70
N SER B 28 -20.46 -26.79 -4.48
CA SER B 28 -19.23 -26.76 -3.69
C SER B 28 -18.29 -27.93 -3.99
N GLY B 29 -17.09 -27.88 -3.38
CA GLY B 29 -16.09 -28.91 -3.56
C GLY B 29 -15.53 -29.04 -4.97
N PHE B 30 -15.68 -28.00 -5.79
CA PHE B 30 -15.21 -28.04 -7.18
C PHE B 30 -13.94 -27.22 -7.44
N HIS B 31 -13.27 -27.55 -8.54
CA HIS B 31 -12.04 -26.88 -8.94
C HIS B 31 -11.67 -27.26 -10.36
N PRO B 32 -11.32 -26.27 -11.23
CA PRO B 32 -11.22 -24.82 -11.00
C PRO B 32 -12.56 -24.12 -10.73
N SER B 33 -12.53 -22.81 -10.55
CA SER B 33 -13.74 -22.06 -10.21
C SER B 33 -14.73 -21.73 -11.32
N ASP B 34 -14.29 -21.78 -12.57
CA ASP B 34 -15.20 -21.48 -13.66
C ASP B 34 -16.32 -22.50 -13.64
N ILE B 35 -17.51 -22.02 -13.30
CA ILE B 35 -18.69 -22.87 -13.22
C ILE B 35 -19.90 -22.05 -13.66
N GLU B 36 -20.90 -22.71 -14.23
CA GLU B 36 -22.12 -22.02 -14.64
C GLU B 36 -23.33 -22.73 -14.04
N VAL B 37 -24.13 -21.97 -13.32
CA VAL B 37 -25.29 -22.49 -12.62
C VAL B 37 -26.58 -21.81 -13.03
N ASP B 38 -27.60 -22.64 -13.26
CA ASP B 38 -28.90 -22.13 -13.64
C ASP B 38 -29.97 -22.75 -12.76
N LEU B 39 -30.95 -21.94 -12.40
CA LEU B 39 -32.08 -22.44 -11.63
C LEU B 39 -33.18 -22.62 -12.67
N LEU B 40 -33.84 -23.78 -12.65
CA LEU B 40 -34.89 -24.06 -13.62
C LEU B 40 -36.31 -24.13 -13.06
N LYS B 41 -37.27 -23.58 -13.81
CA LYS B 41 -38.68 -23.61 -13.45
C LYS B 41 -39.42 -24.32 -14.58
N ASN B 42 -39.48 -25.65 -14.49
CA ASN B 42 -40.14 -26.47 -15.50
C ASN B 42 -39.30 -26.44 -16.78
N GLY B 43 -37.99 -26.57 -16.62
CA GLY B 43 -37.09 -26.56 -17.76
C GLY B 43 -36.69 -25.17 -18.20
N GLU B 44 -37.52 -24.18 -17.89
CA GLU B 44 -37.22 -22.81 -18.29
C GLU B 44 -36.22 -22.16 -17.35
N ARG B 45 -35.04 -21.82 -17.86
CA ARG B 45 -34.04 -21.19 -17.02
C ARG B 45 -34.63 -19.91 -16.43
N ILE B 46 -34.57 -19.78 -15.11
CA ILE B 46 -35.11 -18.60 -14.43
C ILE B 46 -34.09 -17.49 -14.51
N GLU B 47 -34.58 -16.27 -14.76
CA GLU B 47 -33.71 -15.12 -14.82
C GLU B 47 -33.95 -14.40 -13.52
N LYS B 48 -33.13 -13.39 -13.23
CA LYS B 48 -33.25 -12.65 -11.98
C LYS B 48 -32.91 -13.58 -10.81
N VAL B 49 -31.78 -14.28 -10.95
CA VAL B 49 -31.29 -15.22 -9.93
C VAL B 49 -30.07 -14.60 -9.26
N GLU B 50 -30.01 -14.64 -7.94
CA GLU B 50 -28.87 -14.08 -7.21
C GLU B 50 -27.83 -15.15 -6.83
N HIS B 51 -26.62 -14.71 -6.52
CA HIS B 51 -25.56 -15.62 -6.10
C HIS B 51 -24.64 -14.98 -5.07
N SER B 52 -24.13 -15.79 -4.15
CA SER B 52 -23.20 -15.28 -3.15
C SER B 52 -21.88 -15.01 -3.87
N ASP B 53 -20.84 -14.70 -3.12
CA ASP B 53 -19.54 -14.47 -3.73
C ASP B 53 -18.76 -15.77 -3.77
N LEU B 54 -18.02 -15.97 -4.85
CA LEU B 54 -17.21 -17.16 -4.98
C LEU B 54 -16.24 -17.18 -3.81
N SER B 55 -16.13 -18.33 -3.16
CA SER B 55 -15.22 -18.49 -2.04
C SER B 55 -14.66 -19.93 -2.11
N PHE B 56 -13.81 -20.30 -1.15
CA PHE B 56 -13.27 -21.65 -1.14
C PHE B 56 -12.99 -22.14 0.28
N SER B 57 -12.92 -23.46 0.44
CA SER B 57 -12.66 -24.04 1.75
C SER B 57 -11.19 -24.46 1.96
N LYS B 58 -10.91 -25.01 3.14
CA LYS B 58 -9.57 -25.43 3.52
C LYS B 58 -8.86 -26.22 2.42
N ASP B 59 -9.57 -27.13 1.77
CA ASP B 59 -8.97 -27.97 0.74
C ASP B 59 -8.81 -27.26 -0.62
N TRP B 60 -8.99 -25.95 -0.61
CA TRP B 60 -8.91 -25.12 -1.80
C TRP B 60 -10.07 -25.27 -2.77
N SER B 61 -11.04 -26.13 -2.45
CA SER B 61 -12.16 -26.27 -3.36
C SER B 61 -13.07 -25.04 -3.23
N PHE B 62 -13.79 -24.74 -4.31
CA PHE B 62 -14.65 -23.58 -4.33
C PHE B 62 -16.10 -23.90 -4.01
N TYR B 63 -16.81 -22.89 -3.53
CA TYR B 63 -18.22 -23.04 -3.23
C TYR B 63 -18.94 -21.73 -3.54
N LEU B 64 -20.12 -21.88 -4.14
CA LEU B 64 -20.95 -20.76 -4.57
C LEU B 64 -22.41 -21.06 -4.29
N LEU B 65 -23.15 -20.05 -3.84
CA LEU B 65 -24.57 -20.23 -3.59
C LEU B 65 -25.41 -19.44 -4.58
N TYR B 66 -26.44 -20.08 -5.13
CA TYR B 66 -27.35 -19.45 -6.08
C TYR B 66 -28.76 -19.51 -5.50
N TYR B 67 -29.46 -18.38 -5.50
CA TYR B 67 -30.81 -18.36 -4.93
C TYR B 67 -31.76 -17.34 -5.54
N THR B 68 -33.05 -17.68 -5.52
CA THR B 68 -34.13 -16.81 -6.04
C THR B 68 -35.36 -16.84 -5.18
N GLU B 69 -36.02 -15.70 -5.08
CA GLU B 69 -37.27 -15.61 -4.32
C GLU B 69 -38.26 -16.26 -5.27
N PHE B 70 -39.24 -16.96 -4.72
CA PHE B 70 -40.22 -17.63 -5.56
C PHE B 70 -41.37 -18.18 -4.74
N THR B 71 -42.51 -18.41 -5.41
CA THR B 71 -43.68 -18.95 -4.75
C THR B 71 -44.06 -20.23 -5.48
N PRO B 72 -43.94 -21.36 -4.80
CA PRO B 72 -44.26 -22.65 -5.40
C PRO B 72 -45.76 -22.91 -5.53
N THR B 73 -46.09 -23.91 -6.34
CA THR B 73 -47.47 -24.35 -6.56
C THR B 73 -47.39 -25.87 -6.72
N GLU B 74 -48.47 -26.50 -7.13
CA GLU B 74 -48.45 -27.94 -7.30
C GLU B 74 -48.00 -28.35 -8.70
N LYS B 75 -48.28 -27.49 -9.68
CA LYS B 75 -47.93 -27.76 -11.07
C LYS B 75 -46.45 -27.45 -11.34
N ASP B 76 -45.88 -26.56 -10.54
CA ASP B 76 -44.50 -26.12 -10.69
C ASP B 76 -43.39 -27.11 -10.26
N GLU B 77 -42.39 -27.23 -11.13
CA GLU B 77 -41.23 -28.10 -10.91
C GLU B 77 -39.96 -27.23 -10.94
N TYR B 78 -39.05 -27.44 -10.01
CA TYR B 78 -37.82 -26.67 -10.02
C TYR B 78 -36.61 -27.57 -9.95
N ALA B 79 -35.52 -27.11 -10.54
CA ALA B 79 -34.28 -27.86 -10.55
C ALA B 79 -33.11 -26.90 -10.69
N CYS B 80 -31.90 -27.45 -10.59
CA CYS B 80 -30.69 -26.66 -10.72
C CYS B 80 -29.89 -27.34 -11.82
N ARG B 81 -29.35 -26.53 -12.74
CA ARG B 81 -28.56 -27.06 -13.85
C ARG B 81 -27.14 -26.56 -13.72
N VAL B 82 -26.22 -27.49 -13.62
CA VAL B 82 -24.82 -27.13 -13.44
C VAL B 82 -23.89 -27.72 -14.46
N ASN B 83 -23.00 -26.86 -14.97
CA ASN B 83 -21.99 -27.32 -15.90
C ASN B 83 -20.61 -26.85 -15.41
N HIS B 84 -19.65 -27.74 -15.57
CA HIS B 84 -18.28 -27.49 -15.13
C HIS B 84 -17.35 -28.24 -16.07
N VAL B 85 -16.07 -27.86 -16.07
CA VAL B 85 -15.14 -28.52 -16.97
C VAL B 85 -15.05 -30.02 -16.67
N THR B 86 -15.31 -30.42 -15.42
CA THR B 86 -15.25 -31.84 -15.07
C THR B 86 -16.48 -32.63 -15.52
N LEU B 87 -17.47 -31.93 -16.09
CA LEU B 87 -18.71 -32.57 -16.56
C LEU B 87 -18.89 -32.53 -18.07
N SER B 88 -19.20 -33.70 -18.64
CA SER B 88 -19.44 -33.87 -20.08
C SER B 88 -20.56 -32.93 -20.52
N GLN B 89 -21.76 -33.14 -19.99
CA GLN B 89 -22.90 -32.28 -20.30
C GLN B 89 -23.46 -31.73 -18.99
N PRO B 90 -24.30 -30.68 -19.07
CA PRO B 90 -24.85 -30.12 -17.84
C PRO B 90 -25.52 -31.19 -16.97
N LYS B 91 -25.35 -31.08 -15.67
CA LYS B 91 -25.99 -32.02 -14.76
C LYS B 91 -27.19 -31.29 -14.18
N ILE B 92 -28.29 -32.01 -14.00
CA ILE B 92 -29.50 -31.41 -13.47
C ILE B 92 -29.94 -32.11 -12.22
N VAL B 93 -30.15 -31.35 -11.15
CA VAL B 93 -30.62 -31.91 -9.90
C VAL B 93 -31.98 -31.28 -9.64
N LYS B 94 -32.99 -32.12 -9.44
CA LYS B 94 -34.34 -31.63 -9.20
C LYS B 94 -34.51 -31.19 -7.76
N TRP B 95 -35.40 -30.22 -7.56
CA TRP B 95 -35.68 -29.77 -6.21
C TRP B 95 -36.71 -30.72 -5.62
N ASP B 96 -36.31 -31.41 -4.55
CA ASP B 96 -37.21 -32.33 -3.88
C ASP B 96 -38.03 -31.46 -2.91
N ARG B 97 -39.33 -31.35 -3.16
CA ARG B 97 -40.17 -30.50 -2.31
C ARG B 97 -40.02 -30.74 -0.81
N ASP B 98 -39.50 -31.89 -0.42
CA ASP B 98 -39.31 -32.21 1.00
C ASP B 98 -38.04 -31.59 1.61
N MET B 99 -37.22 -30.96 0.77
CA MET B 99 -35.94 -30.36 1.19
C MET B 99 -35.88 -28.83 1.10
N ARG C 4 6.96 24.14 -21.81
CA ARG C 4 7.11 24.05 -20.32
C ARG C 4 6.55 22.73 -19.77
N SER C 5 7.46 21.87 -19.34
CA SER C 5 7.11 20.56 -18.78
C SER C 5 6.95 20.57 -17.26
N HIS C 6 6.38 19.50 -16.73
CA HIS C 6 6.18 19.39 -15.30
C HIS C 6 6.75 18.11 -14.74
N SER C 7 7.12 18.15 -13.47
CA SER C 7 7.72 16.99 -12.84
C SER C 7 7.21 16.69 -11.44
N LEU C 8 7.33 15.42 -11.08
CA LEU C 8 6.97 14.92 -9.75
C LEU C 8 8.02 13.85 -9.49
N HIS C 9 8.69 13.96 -8.35
CA HIS C 9 9.68 12.97 -7.98
C HIS C 9 9.82 12.85 -6.48
N TYR C 10 10.05 11.62 -6.03
CA TYR C 10 10.20 11.35 -4.61
C TYR C 10 11.66 11.05 -4.36
N LEU C 11 12.10 11.33 -3.14
CA LEU C 11 13.48 11.09 -2.75
C LEU C 11 13.42 10.27 -1.46
N PHE C 12 14.15 9.17 -1.42
CA PHE C 12 14.15 8.34 -0.22
C PHE C 12 15.58 8.23 0.27
N MET C 13 15.75 8.19 1.59
CA MET C 13 17.11 8.08 2.14
C MET C 13 17.00 7.39 3.48
N GLY C 14 17.96 6.52 3.75
CA GLY C 14 17.99 5.79 4.99
C GLY C 14 19.37 5.20 5.20
N ALA C 15 19.67 4.78 6.43
CA ALA C 15 20.98 4.22 6.73
C ALA C 15 20.87 2.98 7.58
N SER C 16 21.86 2.10 7.47
CA SER C 16 21.90 0.89 8.27
C SER C 16 22.71 1.22 9.50
N GLU C 17 22.77 0.28 10.43
CA GLU C 17 23.54 0.47 11.65
C GLU C 17 24.60 -0.61 11.82
N GLN C 18 25.77 -0.20 12.32
CA GLN C 18 26.88 -1.12 12.55
C GLN C 18 26.45 -2.25 13.50
N ASP C 19 26.05 -3.37 12.91
CA ASP C 19 25.58 -4.54 13.66
C ASP C 19 24.35 -4.23 14.50
N LEU C 20 24.01 -2.94 14.60
CA LEU C 20 22.83 -2.50 15.33
C LEU C 20 21.65 -2.70 14.37
N GLY C 21 20.73 -3.58 14.76
CA GLY C 21 19.57 -3.84 13.92
C GLY C 21 18.84 -2.58 13.49
N LEU C 22 17.89 -2.75 12.56
CA LEU C 22 17.11 -1.64 12.04
C LEU C 22 17.94 -0.70 11.18
N SER C 23 17.43 0.51 11.01
CA SER C 23 18.08 1.52 10.20
C SER C 23 17.55 2.93 10.52
N LEU C 24 17.56 3.79 9.50
CA LEU C 24 17.08 5.17 9.55
C LEU C 24 16.16 5.28 8.33
N PHE C 25 15.50 6.43 8.16
CA PHE C 25 14.64 6.61 7.00
C PHE C 25 13.92 7.97 6.94
N GLU C 26 13.59 8.39 5.71
CA GLU C 26 12.92 9.65 5.47
C GLU C 26 12.63 9.78 3.97
N ALA C 27 11.47 10.30 3.62
CA ALA C 27 11.11 10.47 2.22
C ALA C 27 10.65 11.91 1.98
N LEU C 28 10.74 12.36 0.73
CA LEU C 28 10.34 13.72 0.34
C LEU C 28 9.69 13.69 -1.04
N GLY C 29 8.71 14.56 -1.25
CA GLY C 29 8.04 14.62 -2.53
C GLY C 29 8.16 16.02 -3.09
N TYR C 30 8.56 16.11 -4.34
CA TYR C 30 8.71 17.40 -4.99
C TYR C 30 7.89 17.42 -6.27
N VAL C 31 7.24 18.54 -6.53
CA VAL C 31 6.49 18.69 -7.79
C VAL C 31 7.03 19.99 -8.36
N ASP C 32 7.55 19.93 -9.58
CA ASP C 32 8.14 21.10 -10.18
C ASP C 32 9.17 21.68 -9.21
N ASP C 33 10.02 20.79 -8.67
CA ASP C 33 11.07 21.17 -7.73
C ASP C 33 10.59 21.91 -6.49
N GLN C 34 9.30 21.75 -6.18
CA GLN C 34 8.73 22.39 -5.01
C GLN C 34 8.41 21.27 -4.02
N LEU C 35 9.04 21.31 -2.85
CA LEU C 35 8.80 20.28 -1.83
C LEU C 35 7.39 20.43 -1.27
N PHE C 36 6.59 19.37 -1.41
CA PHE C 36 5.23 19.43 -0.91
C PHE C 36 4.93 18.42 0.19
N VAL C 37 5.74 17.37 0.30
CA VAL C 37 5.51 16.39 1.35
C VAL C 37 6.78 15.84 2.01
N PHE C 38 6.69 15.62 3.31
CA PHE C 38 7.79 15.08 4.09
C PHE C 38 7.27 13.85 4.81
N TYR C 39 8.14 12.89 5.08
CA TYR C 39 7.75 11.66 5.74
C TYR C 39 8.89 11.17 6.59
N ASP C 40 8.58 10.81 7.82
CA ASP C 40 9.59 10.33 8.75
C ASP C 40 9.29 8.87 9.07
N HIS C 41 10.25 8.18 9.67
CA HIS C 41 10.04 6.80 10.07
C HIS C 41 10.00 6.87 11.59
N GLU C 42 10.81 7.77 12.15
CA GLU C 42 10.90 7.99 13.59
C GLU C 42 9.54 8.43 14.14
N SER C 43 8.86 9.31 13.41
CA SER C 43 7.55 9.80 13.81
C SER C 43 6.45 9.04 13.04
N ARG C 44 6.80 8.55 11.85
CA ARG C 44 5.87 7.79 11.01
C ARG C 44 4.67 8.60 10.55
N ARG C 45 4.78 9.92 10.63
CA ARG C 45 3.73 10.85 10.24
C ARG C 45 4.05 11.58 8.93
N VAL C 46 3.03 11.75 8.09
CA VAL C 46 3.19 12.43 6.82
C VAL C 46 2.85 13.91 6.93
N GLU C 47 3.87 14.76 7.05
CA GLU C 47 3.64 16.20 7.15
C GLU C 47 3.57 16.90 5.79
N PRO C 48 2.88 18.05 5.72
CA PRO C 48 2.76 18.82 4.48
C PRO C 48 3.89 19.85 4.42
N ARG C 49 4.17 20.38 3.24
CA ARG C 49 5.25 21.34 3.11
C ARG C 49 4.85 22.59 2.32
N THR C 50 3.59 22.64 1.90
CA THR C 50 3.07 23.78 1.18
C THR C 50 1.62 23.98 1.59
N PRO C 51 1.10 25.21 1.45
CA PRO C 51 -0.29 25.50 1.82
C PRO C 51 -1.34 24.76 0.99
N TRP C 52 -1.13 24.67 -0.33
CA TRP C 52 -2.07 24.02 -1.24
C TRP C 52 -2.25 22.50 -1.15
N VAL C 53 -1.28 21.86 -0.48
CA VAL C 53 -1.34 20.41 -0.31
C VAL C 53 -1.28 20.11 1.18
N SER C 54 -2.40 20.39 1.86
CA SER C 54 -2.49 20.18 3.30
C SER C 54 -3.16 18.86 3.69
N SER C 55 -2.99 18.48 4.96
CA SER C 55 -3.56 17.26 5.50
C SER C 55 -5.09 17.28 5.38
N ARG C 56 -5.71 18.28 5.99
CA ARG C 56 -7.16 18.43 5.96
C ARG C 56 -7.65 19.15 4.68
N ILE C 57 -6.88 20.11 4.18
CA ILE C 57 -7.24 20.86 2.97
C ILE C 57 -7.16 19.93 1.76
N SER C 58 -8.30 19.47 1.19
CA SER C 58 -8.33 18.55 0.06
C SER C 58 -7.61 17.27 0.47
N SER C 59 -8.10 16.67 1.56
CA SER C 59 -7.53 15.45 2.14
C SER C 59 -7.82 14.16 1.37
N GLN C 60 -8.39 14.27 0.18
CA GLN C 60 -8.68 13.08 -0.62
C GLN C 60 -7.36 12.45 -1.04
N MET C 61 -6.45 13.30 -1.54
CA MET C 61 -5.12 12.89 -2.00
C MET C 61 -4.19 12.54 -0.84
N TRP C 62 -4.26 13.34 0.24
CA TRP C 62 -3.40 13.09 1.39
C TRP C 62 -3.58 11.68 1.93
N LEU C 63 -4.66 11.02 1.51
CA LEU C 63 -4.95 9.65 1.96
C LEU C 63 -4.06 8.66 1.22
N GLN C 64 -4.17 8.60 -0.11
CA GLN C 64 -3.36 7.68 -0.88
C GLN C 64 -1.88 8.09 -0.86
N LEU C 65 -1.63 9.39 -0.78
CA LEU C 65 -0.26 9.88 -0.73
C LEU C 65 0.39 9.40 0.55
N SER C 66 -0.40 9.28 1.60
CA SER C 66 0.11 8.81 2.87
C SER C 66 0.25 7.28 2.80
N GLN C 67 -0.49 6.66 1.89
CA GLN C 67 -0.41 5.21 1.71
C GLN C 67 0.79 4.92 0.83
N SER C 68 0.87 5.66 -0.27
CA SER C 68 1.95 5.54 -1.24
C SER C 68 3.33 5.53 -0.57
N LEU C 69 3.55 6.45 0.36
CA LEU C 69 4.82 6.55 1.08
C LEU C 69 5.06 5.40 2.04
N LYS C 70 4.03 5.01 2.80
CA LYS C 70 4.19 3.91 3.76
C LYS C 70 4.53 2.64 2.97
N GLY C 71 3.98 2.54 1.76
CA GLY C 71 4.26 1.40 0.91
C GLY C 71 5.70 1.41 0.46
N TRP C 72 6.15 2.57 -0.02
CA TRP C 72 7.52 2.72 -0.48
C TRP C 72 8.47 2.49 0.69
N ASP C 73 8.06 2.88 1.89
CA ASP C 73 8.91 2.68 3.05
C ASP C 73 9.23 1.19 3.16
N HIS C 74 8.19 0.36 3.10
CA HIS C 74 8.36 -1.11 3.19
C HIS C 74 9.27 -1.63 2.09
N MET C 75 8.94 -1.23 0.85
CA MET C 75 9.72 -1.63 -0.31
C MET C 75 11.19 -1.21 -0.17
N PHE C 76 11.41 0.03 0.25
CA PHE C 76 12.75 0.56 0.44
C PHE C 76 13.46 -0.35 1.44
N THR C 77 12.80 -0.67 2.54
CA THR C 77 13.40 -1.53 3.55
C THR C 77 13.84 -2.88 2.97
N VAL C 78 12.95 -3.50 2.20
CA VAL C 78 13.25 -4.78 1.58
C VAL C 78 14.43 -4.61 0.64
N ASP C 79 14.39 -3.54 -0.16
CA ASP C 79 15.45 -3.26 -1.11
C ASP C 79 16.79 -3.02 -0.40
N PHE C 80 16.76 -2.26 0.68
CA PHE C 80 17.95 -1.95 1.43
C PHE C 80 18.59 -3.26 1.90
N TRP C 81 17.75 -4.15 2.44
CA TRP C 81 18.28 -5.42 2.93
C TRP C 81 18.87 -6.26 1.81
N THR C 82 18.15 -6.29 0.70
CA THR C 82 18.58 -7.07 -0.46
C THR C 82 19.94 -6.59 -0.93
N ILE C 83 20.08 -5.28 -1.11
CA ILE C 83 21.32 -4.68 -1.58
C ILE C 83 22.45 -4.92 -0.57
N MET C 84 22.16 -4.67 0.70
CA MET C 84 23.17 -4.85 1.72
C MET C 84 23.64 -6.30 1.79
N GLU C 85 22.69 -7.22 1.82
CA GLU C 85 23.08 -8.62 1.91
C GLU C 85 23.85 -9.08 0.66
N ASN C 86 23.64 -8.44 -0.46
CA ASN C 86 24.33 -8.84 -1.67
C ASN C 86 25.73 -8.26 -1.80
N HIS C 87 26.21 -7.63 -0.72
CA HIS C 87 27.54 -7.05 -0.67
C HIS C 87 28.25 -7.76 0.47
N ASN C 88 27.50 -8.62 1.15
CA ASN C 88 28.02 -9.33 2.32
C ASN C 88 28.38 -8.24 3.32
N HIS C 89 27.44 -7.32 3.53
CA HIS C 89 27.58 -6.18 4.47
C HIS C 89 26.67 -6.41 5.69
N SER C 90 27.26 -6.36 6.89
CA SER C 90 26.47 -6.58 8.12
C SER C 90 26.87 -5.75 9.32
N LYS C 91 28.10 -5.94 9.79
CA LYS C 91 28.64 -5.20 10.94
C LYS C 91 29.06 -3.81 10.49
N GLU C 92 28.84 -3.54 9.21
CA GLU C 92 29.17 -2.25 8.61
C GLU C 92 27.96 -1.31 8.64
N SER C 93 28.19 -0.01 8.53
CA SER C 93 27.10 0.95 8.50
C SER C 93 27.00 1.45 7.06
N HIS C 94 25.82 1.36 6.46
CA HIS C 94 25.65 1.79 5.08
C HIS C 94 24.44 2.66 4.84
N THR C 95 24.40 3.27 3.66
CA THR C 95 23.28 4.13 3.34
C THR C 95 22.68 3.71 2.00
N LEU C 96 21.38 3.96 1.85
CA LEU C 96 20.69 3.67 0.60
C LEU C 96 19.82 4.89 0.28
N GLN C 97 19.91 5.39 -0.95
CA GLN C 97 19.10 6.51 -1.38
C GLN C 97 18.41 6.12 -2.68
N VAL C 98 17.18 6.56 -2.82
CA VAL C 98 16.42 6.26 -4.02
C VAL C 98 15.82 7.55 -4.53
N ILE C 99 15.70 7.62 -5.85
CA ILE C 99 15.12 8.77 -6.50
C ILE C 99 14.24 8.15 -7.57
N LEU C 100 12.98 8.58 -7.62
CA LEU C 100 12.02 8.08 -8.60
C LEU C 100 10.99 9.16 -8.87
N GLY C 101 10.53 9.20 -10.11
CA GLY C 101 9.56 10.20 -10.47
C GLY C 101 9.31 10.13 -11.95
N CYS C 102 8.55 11.11 -12.45
CA CYS C 102 8.20 11.14 -13.85
C CYS C 102 8.26 12.58 -14.35
N GLU C 103 8.51 12.73 -15.64
CA GLU C 103 8.61 14.04 -16.26
C GLU C 103 7.63 14.11 -17.42
N MET C 104 6.55 14.87 -17.23
CA MET C 104 5.50 15.03 -18.23
C MET C 104 5.79 16.22 -19.13
N GLN C 105 5.63 16.03 -20.44
CA GLN C 105 5.89 17.12 -21.39
C GLN C 105 4.62 17.91 -21.68
N GLU C 106 4.78 19.05 -22.38
CA GLU C 106 3.66 19.91 -22.72
C GLU C 106 2.56 19.13 -23.44
N ASP C 107 2.98 18.01 -24.04
CA ASP C 107 2.08 17.15 -24.80
C ASP C 107 1.60 15.88 -24.09
N ASN C 108 1.84 15.78 -22.79
CA ASN C 108 1.41 14.61 -22.00
C ASN C 108 2.24 13.34 -22.23
N SER C 109 3.31 13.43 -23.01
CA SER C 109 4.18 12.27 -23.25
C SER C 109 5.11 12.18 -22.01
N THR C 110 5.07 11.05 -21.33
CA THR C 110 5.87 10.88 -20.12
C THR C 110 7.18 10.13 -20.20
N GLU C 111 8.11 10.55 -19.33
CA GLU C 111 9.43 9.96 -19.19
C GLU C 111 9.64 9.68 -17.69
N GLY C 112 9.96 8.44 -17.35
CA GLY C 112 10.14 8.12 -15.95
C GLY C 112 11.50 7.57 -15.58
N TYR C 113 11.79 7.55 -14.28
CA TYR C 113 13.07 7.05 -13.83
C TYR C 113 12.96 6.53 -12.41
N TRP C 114 13.91 5.66 -12.07
CA TRP C 114 13.98 5.03 -10.78
C TRP C 114 15.47 4.69 -10.61
N LYS C 115 16.12 5.37 -9.68
CA LYS C 115 17.55 5.16 -9.47
C LYS C 115 17.87 4.83 -8.01
N TYR C 116 18.84 3.93 -7.83
CA TYR C 116 19.29 3.53 -6.51
C TYR C 116 20.74 3.95 -6.27
N GLY C 117 20.98 4.57 -5.11
CA GLY C 117 22.31 5.03 -4.74
C GLY C 117 22.69 4.31 -3.46
N TYR C 118 23.84 3.63 -3.48
CA TYR C 118 24.31 2.88 -2.32
C TYR C 118 25.61 3.46 -1.81
N ASP C 119 25.59 3.90 -0.55
CA ASP C 119 26.78 4.50 0.03
C ASP C 119 27.20 5.70 -0.83
N GLY C 120 26.22 6.53 -1.19
CA GLY C 120 26.49 7.72 -1.97
C GLY C 120 26.95 7.57 -3.40
N GLN C 121 26.88 6.36 -3.96
CA GLN C 121 27.29 6.15 -5.35
C GLN C 121 26.20 5.50 -6.18
N ASP C 122 26.17 5.81 -7.46
CA ASP C 122 25.20 5.20 -8.36
C ASP C 122 25.32 3.70 -8.12
N HIS C 123 24.20 2.97 -8.16
CA HIS C 123 24.25 1.54 -7.94
C HIS C 123 23.38 0.78 -8.95
N LEU C 124 22.08 1.05 -8.90
CA LEU C 124 21.19 0.39 -9.84
C LEU C 124 20.32 1.44 -10.44
N GLU C 125 20.02 1.31 -11.73
CA GLU C 125 19.14 2.26 -12.37
C GLU C 125 18.14 1.53 -13.23
N PHE C 126 16.87 1.85 -13.03
CA PHE C 126 15.80 1.23 -13.79
C PHE C 126 15.77 1.78 -15.19
N CYS C 127 15.67 0.88 -16.16
CA CYS C 127 15.59 1.22 -17.57
C CYS C 127 14.23 0.67 -18.00
N PRO C 128 13.20 1.51 -17.95
CA PRO C 128 11.82 1.12 -18.31
C PRO C 128 11.65 0.54 -19.71
N ASP C 129 12.31 1.16 -20.68
CA ASP C 129 12.21 0.75 -22.07
C ASP C 129 12.56 -0.71 -22.29
N THR C 130 13.60 -1.17 -21.61
CA THR C 130 14.07 -2.55 -21.75
C THR C 130 13.60 -3.45 -20.59
N LEU C 131 12.75 -2.90 -19.72
CA LEU C 131 12.24 -3.65 -18.58
C LEU C 131 13.36 -4.37 -17.84
N ASP C 132 14.36 -3.63 -17.41
CA ASP C 132 15.46 -4.22 -16.66
C ASP C 132 16.23 -3.15 -15.91
N TRP C 133 17.34 -3.53 -15.28
CA TRP C 133 18.12 -2.56 -14.52
C TRP C 133 19.57 -2.53 -14.95
N ARG C 134 20.16 -1.34 -14.90
CA ARG C 134 21.56 -1.17 -15.24
C ARG C 134 22.35 -1.20 -13.93
N ALA C 135 23.34 -2.10 -13.86
CA ALA C 135 24.15 -2.18 -12.67
C ALA C 135 25.28 -1.21 -12.92
N ALA C 136 25.40 -0.19 -12.09
CA ALA C 136 26.43 0.81 -12.28
C ALA C 136 27.83 0.34 -11.90
N GLU C 137 27.89 -0.75 -11.14
CA GLU C 137 29.15 -1.30 -10.68
C GLU C 137 28.99 -2.80 -10.43
N PRO C 138 30.06 -3.58 -10.61
CA PRO C 138 30.02 -5.02 -10.40
C PRO C 138 29.17 -5.53 -9.24
N ARG C 139 29.42 -5.00 -8.04
CA ARG C 139 28.71 -5.45 -6.86
C ARG C 139 27.20 -5.27 -6.87
N ALA C 140 26.68 -4.67 -7.93
CA ALA C 140 25.24 -4.44 -8.06
C ALA C 140 24.58 -5.52 -8.92
N TRP C 141 25.39 -6.28 -9.65
CA TRP C 141 24.86 -7.32 -10.53
C TRP C 141 24.04 -8.40 -9.82
N PRO C 142 24.50 -8.86 -8.65
CA PRO C 142 23.73 -9.89 -7.94
C PRO C 142 22.28 -9.45 -7.72
N THR C 143 22.12 -8.19 -7.34
CA THR C 143 20.80 -7.62 -7.08
C THR C 143 20.05 -7.48 -8.39
N LYS C 144 20.76 -7.04 -9.44
CA LYS C 144 20.15 -6.86 -10.74
C LYS C 144 19.57 -8.20 -11.19
N LEU C 145 20.38 -9.24 -11.09
CA LEU C 145 19.92 -10.56 -11.46
C LEU C 145 18.70 -10.99 -10.64
N GLU C 146 18.68 -10.63 -9.35
CA GLU C 146 17.57 -11.02 -8.50
C GLU C 146 16.29 -10.40 -9.01
N TRP C 147 16.33 -9.08 -9.19
CA TRP C 147 15.17 -8.33 -9.65
C TRP C 147 14.74 -8.71 -11.06
N GLU C 148 15.65 -9.29 -11.81
CA GLU C 148 15.33 -9.64 -13.18
C GLU C 148 14.84 -11.07 -13.34
N ARG C 149 14.82 -11.86 -12.27
CA ARG C 149 14.37 -13.25 -12.38
C ARG C 149 12.93 -13.37 -12.88
N HIS C 150 12.08 -12.42 -12.52
CA HIS C 150 10.69 -12.41 -12.94
C HIS C 150 10.39 -11.00 -13.43
N LYS C 151 10.10 -10.88 -14.73
CA LYS C 151 9.82 -9.59 -15.33
C LYS C 151 8.67 -8.83 -14.69
N ILE C 152 7.83 -9.53 -13.93
CA ILE C 152 6.70 -8.88 -13.28
C ILE C 152 7.11 -7.62 -12.48
N ARG C 153 8.25 -7.71 -11.78
CA ARG C 153 8.69 -6.56 -11.00
C ARG C 153 8.93 -5.35 -11.88
N ALA C 154 9.67 -5.55 -12.96
CA ALA C 154 9.96 -4.47 -13.88
C ALA C 154 8.64 -3.94 -14.45
N ARG C 155 7.75 -4.85 -14.84
CA ARG C 155 6.45 -4.46 -15.38
C ARG C 155 5.66 -3.55 -14.43
N GLN C 156 5.58 -3.93 -13.16
CA GLN C 156 4.84 -3.13 -12.19
C GLN C 156 5.52 -1.78 -12.03
N ASN C 157 6.85 -1.82 -11.92
CA ASN C 157 7.66 -0.61 -11.74
C ASN C 157 7.42 0.37 -12.88
N ARG C 158 7.52 -0.12 -14.11
CA ARG C 158 7.31 0.74 -15.26
C ARG C 158 5.88 1.25 -15.26
N ALA C 159 4.93 0.39 -14.89
CA ALA C 159 3.54 0.80 -14.84
C ALA C 159 3.38 1.98 -13.89
N TYR C 160 4.08 1.95 -12.76
CA TYR C 160 3.96 3.08 -11.85
C TYR C 160 4.48 4.34 -12.53
N LEU C 161 5.68 4.26 -13.10
CA LEU C 161 6.30 5.41 -13.73
C LEU C 161 5.55 6.02 -14.90
N GLU C 162 4.89 5.19 -15.69
CA GLU C 162 4.19 5.70 -16.87
C GLU C 162 2.71 5.97 -16.70
N ARG C 163 2.11 5.41 -15.66
CA ARG C 163 0.68 5.59 -15.44
C ARG C 163 0.38 6.26 -14.10
N ASP C 164 0.60 5.51 -13.02
CA ASP C 164 0.33 6.02 -11.67
C ASP C 164 0.98 7.38 -11.38
N CYS C 165 2.28 7.49 -11.62
CA CYS C 165 3.00 8.74 -11.35
C CYS C 165 2.44 9.96 -12.09
N PRO C 166 2.31 9.89 -13.43
CA PRO C 166 1.77 11.04 -14.18
C PRO C 166 0.38 11.46 -13.71
N ALA C 167 -0.45 10.47 -13.38
CA ALA C 167 -1.80 10.76 -12.91
C ALA C 167 -1.72 11.51 -11.59
N GLN C 168 -0.76 11.15 -10.74
CA GLN C 168 -0.64 11.83 -9.46
C GLN C 168 -0.06 13.24 -9.68
N LEU C 169 0.70 13.41 -10.74
CA LEU C 169 1.28 14.71 -11.06
C LEU C 169 0.15 15.64 -11.46
N GLN C 170 -0.67 15.18 -12.41
CA GLN C 170 -1.80 15.96 -12.88
C GLN C 170 -2.67 16.41 -11.70
N GLN C 171 -3.04 15.45 -10.84
CA GLN C 171 -3.88 15.75 -9.69
C GLN C 171 -3.23 16.79 -8.77
N LEU C 172 -1.90 16.79 -8.72
CA LEU C 172 -1.18 17.74 -7.88
C LEU C 172 -1.11 19.09 -8.54
N LEU C 173 -0.88 19.08 -9.86
CA LEU C 173 -0.80 20.31 -10.62
C LEU C 173 -2.13 21.03 -10.53
N GLU C 174 -3.15 20.28 -10.12
CA GLU C 174 -4.50 20.81 -9.96
C GLU C 174 -4.57 21.70 -8.74
N LEU C 175 -4.59 21.10 -7.55
CA LEU C 175 -4.67 21.88 -6.33
C LEU C 175 -3.45 22.76 -6.17
N GLY C 176 -2.59 22.76 -7.19
CA GLY C 176 -1.40 23.56 -7.16
C GLY C 176 -1.53 24.88 -7.88
N ARG C 177 -2.33 24.89 -8.96
CA ARG C 177 -2.55 26.11 -9.75
C ARG C 177 -2.81 27.31 -8.84
N GLY C 178 -2.13 28.41 -9.12
CA GLY C 178 -2.30 29.61 -8.32
C GLY C 178 -1.16 29.84 -7.35
N VAL C 179 -0.53 28.75 -6.91
CA VAL C 179 0.59 28.88 -5.98
C VAL C 179 1.87 28.30 -6.60
N LEU C 180 1.73 27.14 -7.24
CA LEU C 180 2.85 26.47 -7.87
C LEU C 180 3.43 27.28 -9.01
N ASP C 181 2.55 27.68 -9.94
CA ASP C 181 2.92 28.45 -11.12
C ASP C 181 3.20 29.91 -10.73
N GLN C 182 2.92 30.25 -9.48
CA GLN C 182 3.13 31.61 -9.00
C GLN C 182 4.59 31.99 -8.92
N GLN C 183 4.99 33.01 -9.67
CA GLN C 183 6.38 33.45 -9.64
C GLN C 183 6.54 34.82 -9.04
N VAL C 184 7.47 34.96 -8.12
CA VAL C 184 7.73 36.25 -7.50
C VAL C 184 9.12 36.68 -7.92
N PRO C 185 9.23 37.87 -8.55
CA PRO C 185 10.51 38.41 -9.02
C PRO C 185 11.47 38.80 -7.90
N PRO C 186 12.76 38.85 -8.21
CA PRO C 186 13.78 39.20 -7.22
C PRO C 186 13.97 40.69 -7.04
N LEU C 187 14.39 41.03 -5.83
CA LEU C 187 14.71 42.40 -5.46
C LEU C 187 16.19 42.42 -5.80
N VAL C 188 16.61 43.33 -6.68
CA VAL C 188 18.00 43.37 -7.05
C VAL C 188 18.75 44.55 -6.43
N LYS C 189 19.85 44.24 -5.77
CA LYS C 189 20.68 45.26 -5.13
C LYS C 189 22.15 45.07 -5.44
N VAL C 190 22.83 46.19 -5.66
CA VAL C 190 24.24 46.17 -5.97
C VAL C 190 25.02 46.82 -4.82
N THR C 191 25.63 46.00 -3.98
CA THR C 191 26.42 46.53 -2.86
C THR C 191 27.88 46.58 -3.30
N HIS C 192 28.74 47.12 -2.45
CA HIS C 192 30.16 47.23 -2.80
C HIS C 192 31.07 47.26 -1.58
N HIS C 193 32.32 46.90 -1.80
CA HIS C 193 33.34 46.87 -0.77
C HIS C 193 34.54 47.55 -1.41
N VAL C 194 34.83 48.76 -0.97
CA VAL C 194 35.93 49.54 -1.52
C VAL C 194 37.22 49.55 -0.70
N THR C 195 38.34 49.49 -1.42
CA THR C 195 39.68 49.52 -0.84
C THR C 195 40.54 50.33 -1.82
N SER C 196 41.75 50.66 -1.41
CA SER C 196 42.64 51.46 -2.25
C SER C 196 43.04 50.80 -3.56
N SER C 197 43.14 49.48 -3.56
CA SER C 197 43.58 48.77 -4.74
C SER C 197 42.45 48.25 -5.65
N VAL C 198 41.31 47.92 -5.07
CA VAL C 198 40.22 47.38 -5.88
C VAL C 198 38.88 47.56 -5.20
N THR C 199 37.82 47.61 -5.99
CA THR C 199 36.47 47.72 -5.46
C THR C 199 35.75 46.44 -5.87
N THR C 200 35.08 45.80 -4.92
CA THR C 200 34.35 44.58 -5.22
C THR C 200 32.87 44.89 -5.32
N LEU C 201 32.31 44.67 -6.50
CA LEU C 201 30.89 44.89 -6.72
C LEU C 201 30.18 43.57 -6.45
N ARG C 202 29.02 43.66 -5.82
CA ARG C 202 28.23 42.48 -5.50
C ARG C 202 26.79 42.74 -5.94
N CYS C 203 26.25 41.84 -6.76
CA CYS C 203 24.89 42.01 -7.20
C CYS C 203 24.07 40.85 -6.63
N ARG C 204 23.03 41.19 -5.86
CA ARG C 204 22.20 40.17 -5.25
C ARG C 204 20.78 40.19 -5.75
N ALA C 205 20.22 39.01 -5.96
CA ALA C 205 18.84 38.89 -6.40
C ALA C 205 18.20 38.25 -5.17
N LEU C 206 17.22 38.92 -4.57
CA LEU C 206 16.62 38.40 -3.34
C LEU C 206 15.16 37.97 -3.33
N ASN C 207 14.86 37.06 -2.40
CA ASN C 207 13.52 36.53 -2.17
C ASN C 207 12.69 36.24 -3.42
N TYR C 208 13.28 35.53 -4.37
CA TYR C 208 12.59 35.22 -5.62
C TYR C 208 12.21 33.74 -5.75
N TYR C 209 11.48 33.43 -6.82
CA TYR C 209 11.02 32.07 -7.07
C TYR C 209 10.23 32.01 -8.39
N PRO C 210 10.41 30.95 -9.19
CA PRO C 210 11.29 29.78 -9.01
C PRO C 210 12.78 30.13 -8.95
N GLN C 211 13.62 29.12 -8.70
CA GLN C 211 15.06 29.35 -8.55
C GLN C 211 15.86 29.70 -9.78
N ASN C 212 15.47 29.19 -10.94
CA ASN C 212 16.22 29.51 -12.15
C ASN C 212 16.14 30.99 -12.43
N ILE C 213 17.32 31.60 -12.54
CA ILE C 213 17.46 33.04 -12.76
C ILE C 213 18.70 33.33 -13.62
N THR C 214 18.80 34.55 -14.14
CA THR C 214 19.94 34.95 -14.96
C THR C 214 20.55 36.24 -14.43
N MET C 215 21.84 36.20 -14.16
CA MET C 215 22.51 37.38 -13.63
C MET C 215 23.82 37.59 -14.34
N LYS C 216 24.06 38.81 -14.78
CA LYS C 216 25.30 39.10 -15.49
C LYS C 216 25.73 40.55 -15.35
N TRP C 217 27.02 40.79 -15.54
CA TRP C 217 27.58 42.14 -15.46
C TRP C 217 27.61 42.79 -16.84
N LEU C 218 27.41 44.11 -16.85
CA LEU C 218 27.46 44.88 -18.07
C LEU C 218 28.53 45.96 -17.88
N LYS C 219 29.39 46.08 -18.86
CA LYS C 219 30.44 47.09 -18.85
C LYS C 219 30.08 48.08 -19.93
N ASP C 220 29.81 49.32 -19.53
CA ASP C 220 29.43 50.38 -20.46
C ASP C 220 28.12 50.02 -21.17
N LYS C 221 27.15 49.54 -20.39
CA LYS C 221 25.85 49.13 -20.89
C LYS C 221 25.93 47.94 -21.84
N GLN C 222 27.11 47.37 -22.03
CA GLN C 222 27.24 46.23 -22.94
C GLN C 222 27.70 44.99 -22.22
N PRO C 223 27.23 43.83 -22.68
CA PRO C 223 27.55 42.51 -22.11
C PRO C 223 29.05 42.25 -21.98
N MET C 224 29.41 41.54 -20.92
CA MET C 224 30.79 41.20 -20.62
C MET C 224 30.92 39.71 -20.88
N ASP C 225 32.03 39.32 -21.49
CA ASP C 225 32.27 37.90 -21.76
C ASP C 225 31.98 37.12 -20.47
N ALA C 226 31.17 36.07 -20.58
CA ALA C 226 30.78 35.23 -19.45
C ALA C 226 31.98 34.80 -18.58
N LYS C 227 33.13 34.62 -19.22
CA LYS C 227 34.36 34.19 -18.55
C LYS C 227 35.09 35.30 -17.78
N GLU C 228 34.39 36.39 -17.53
CA GLU C 228 34.94 37.54 -16.81
C GLU C 228 34.55 37.55 -15.33
N PHE C 229 33.48 36.83 -15.00
CA PHE C 229 33.01 36.74 -13.62
C PHE C 229 32.46 35.33 -13.43
N GLU C 230 32.82 34.70 -12.31
CA GLU C 230 32.33 33.35 -12.00
C GLU C 230 30.80 33.41 -12.19
N PRO C 231 30.17 32.26 -12.52
CA PRO C 231 28.71 32.25 -12.71
C PRO C 231 28.00 32.57 -11.39
N LYS C 232 26.68 32.82 -11.44
CA LYS C 232 25.97 33.12 -10.20
C LYS C 232 26.06 31.99 -9.16
N ASP C 233 25.63 32.30 -7.95
CA ASP C 233 25.62 31.35 -6.85
C ASP C 233 24.16 31.44 -6.43
N VAL C 234 23.47 30.30 -6.36
CA VAL C 234 22.07 30.29 -5.96
C VAL C 234 21.88 29.54 -4.67
N LEU C 235 21.28 30.24 -3.72
CA LEU C 235 21.07 29.66 -2.41
C LEU C 235 19.64 29.80 -1.97
N PRO C 236 19.21 28.89 -1.11
CA PRO C 236 17.85 28.91 -0.60
C PRO C 236 17.73 29.72 0.70
N ASN C 237 16.51 30.14 0.97
CA ASN C 237 16.15 30.85 2.19
C ASN C 237 15.22 29.78 2.76
N GLY C 238 15.11 29.69 4.07
CA GLY C 238 14.23 28.66 4.59
C GLY C 238 12.76 28.77 4.21
N ASP C 239 12.33 29.97 3.83
CA ASP C 239 10.93 30.24 3.49
C ASP C 239 10.42 29.86 2.12
N GLY C 240 11.17 29.08 1.36
CA GLY C 240 10.67 28.71 0.04
C GLY C 240 11.07 29.65 -1.09
N THR C 241 11.85 30.68 -0.80
CA THR C 241 12.31 31.59 -1.84
C THR C 241 13.81 31.38 -2.00
N TYR C 242 14.38 32.02 -3.01
CA TYR C 242 15.80 31.89 -3.24
C TYR C 242 16.47 33.24 -3.42
N GLN C 243 17.80 33.22 -3.40
CA GLN C 243 18.60 34.41 -3.62
C GLN C 243 19.85 33.99 -4.38
N GLY C 244 20.41 34.93 -5.13
CA GLY C 244 21.61 34.64 -5.88
C GLY C 244 22.50 35.85 -5.93
N TRP C 245 23.77 35.64 -6.27
CA TRP C 245 24.68 36.76 -6.36
C TRP C 245 25.85 36.51 -7.29
N ILE C 246 26.38 37.61 -7.83
CA ILE C 246 27.55 37.56 -8.67
C ILE C 246 28.49 38.64 -8.16
N THR C 247 29.78 38.45 -8.44
CA THR C 247 30.79 39.37 -7.96
C THR C 247 31.65 39.90 -9.09
N LEU C 248 32.21 41.08 -8.91
CA LEU C 248 33.06 41.67 -9.92
C LEU C 248 34.09 42.58 -9.29
N ALA C 249 35.37 42.29 -9.53
CA ALA C 249 36.42 43.12 -8.98
C ALA C 249 36.82 44.17 -10.03
N VAL C 250 36.75 45.45 -9.68
CA VAL C 250 37.10 46.50 -10.63
C VAL C 250 37.98 47.60 -10.01
N PRO C 251 38.71 48.35 -10.84
CA PRO C 251 39.57 49.40 -10.32
C PRO C 251 38.73 50.48 -9.66
N PRO C 252 39.15 50.97 -8.48
CA PRO C 252 38.34 52.01 -7.84
C PRO C 252 38.19 53.19 -8.81
N GLY C 253 36.99 53.74 -8.86
CA GLY C 253 36.73 54.85 -9.78
C GLY C 253 35.84 54.38 -10.92
N GLU C 254 36.20 53.24 -11.50
CA GLU C 254 35.47 52.63 -12.62
C GLU C 254 34.11 52.05 -12.28
N GLU C 255 33.74 52.00 -11.00
CA GLU C 255 32.48 51.40 -10.59
C GLU C 255 31.33 51.70 -11.53
N GLN C 256 31.09 53.00 -11.73
CA GLN C 256 30.01 53.47 -12.60
C GLN C 256 29.92 52.80 -13.98
N ARG C 257 31.05 52.35 -14.53
CA ARG C 257 31.00 51.71 -15.85
C ARG C 257 30.35 50.33 -15.78
N TYR C 258 30.10 49.83 -14.56
CA TYR C 258 29.51 48.51 -14.42
C TYR C 258 28.12 48.52 -13.84
N THR C 259 27.26 47.69 -14.43
CA THR C 259 25.88 47.57 -14.01
C THR C 259 25.52 46.09 -13.94
N CYS C 260 24.51 45.79 -13.16
CA CYS C 260 24.07 44.42 -13.01
C CYS C 260 22.79 44.22 -13.78
N GLN C 261 22.74 43.13 -14.54
CA GLN C 261 21.53 42.83 -15.30
C GLN C 261 20.99 41.49 -14.83
N VAL C 262 19.74 41.50 -14.41
CA VAL C 262 19.08 40.30 -13.92
C VAL C 262 17.82 39.97 -14.71
N GLU C 263 17.67 38.70 -15.04
CA GLU C 263 16.50 38.26 -15.79
C GLU C 263 15.84 37.12 -15.06
N HIS C 264 14.51 37.17 -14.99
CA HIS C 264 13.71 36.15 -14.32
C HIS C 264 12.30 36.20 -14.91
N PRO C 265 11.63 35.05 -15.05
CA PRO C 265 10.27 35.03 -15.60
C PRO C 265 9.31 35.95 -14.83
N GLY C 266 9.60 36.21 -13.57
CA GLY C 266 8.75 37.09 -12.78
C GLY C 266 8.87 38.54 -13.20
N LEU C 267 9.97 38.86 -13.90
CA LEU C 267 10.22 40.22 -14.37
C LEU C 267 9.72 40.37 -15.80
N ASP C 268 9.06 41.49 -16.09
CA ASP C 268 8.53 41.74 -17.43
C ASP C 268 9.63 41.84 -18.48
N GLN C 269 10.77 42.40 -18.10
CA GLN C 269 11.92 42.52 -18.98
C GLN C 269 13.17 42.59 -18.10
N PRO C 270 14.37 42.40 -18.69
CA PRO C 270 15.59 42.46 -17.91
C PRO C 270 15.66 43.70 -17.03
N LEU C 271 16.07 43.50 -15.79
CA LEU C 271 16.19 44.58 -14.81
C LEU C 271 17.67 44.95 -14.64
N ILE C 272 17.98 46.23 -14.81
CA ILE C 272 19.36 46.68 -14.72
C ILE C 272 19.54 47.62 -13.54
N VAL C 273 20.45 47.24 -12.63
CA VAL C 273 20.74 48.02 -11.42
C VAL C 273 22.15 48.64 -11.42
N ILE C 274 22.24 49.89 -10.94
CA ILE C 274 23.49 50.65 -10.87
C ILE C 274 24.18 50.45 -9.51
N TRP C 275 25.50 50.68 -9.48
CA TRP C 275 26.27 50.54 -8.25
C TRP C 275 26.03 51.64 -7.21
N ILE D 1 31.58 6.21 -0.56
CA ILE D 1 32.55 7.32 -0.36
C ILE D 1 32.02 8.34 0.66
N GLN D 2 32.94 9.08 1.27
CA GLN D 2 32.57 10.10 2.24
C GLN D 2 32.90 11.46 1.62
N ARG D 3 32.06 12.45 1.89
CA ARG D 3 32.27 13.79 1.35
C ARG D 3 32.13 14.80 2.48
N THR D 4 33.08 15.71 2.57
CA THR D 4 33.01 16.74 3.61
C THR D 4 32.04 17.85 3.19
N PRO D 5 31.32 18.42 4.16
CA PRO D 5 30.35 19.48 3.87
C PRO D 5 30.95 20.78 3.40
N LYS D 6 30.22 21.44 2.51
CA LYS D 6 30.58 22.75 2.02
C LYS D 6 29.73 23.61 2.98
N ILE D 7 30.29 24.73 3.44
CA ILE D 7 29.55 25.58 4.36
C ILE D 7 29.46 27.00 3.87
N GLN D 8 28.25 27.53 3.83
CA GLN D 8 28.06 28.89 3.38
C GLN D 8 27.17 29.60 4.36
N VAL D 9 27.62 30.75 4.86
CA VAL D 9 26.80 31.52 5.80
C VAL D 9 26.48 32.85 5.13
N TYR D 10 25.21 33.23 5.17
CA TYR D 10 24.79 34.48 4.54
C TYR D 10 23.54 35.00 5.20
N SER D 11 23.12 36.20 4.79
CA SER D 11 21.92 36.81 5.35
C SER D 11 20.78 36.75 4.34
N ARG D 12 19.55 36.82 4.83
CA ARG D 12 18.38 36.82 3.96
C ARG D 12 18.44 38.06 3.07
N HIS D 13 18.65 39.22 3.70
CA HIS D 13 18.76 40.53 3.03
C HIS D 13 20.09 41.15 3.40
N PRO D 14 20.54 42.16 2.64
CA PRO D 14 21.82 42.79 2.98
C PRO D 14 21.70 43.35 4.39
N ALA D 15 22.69 43.10 5.23
CA ALA D 15 22.64 43.55 6.62
C ALA D 15 22.61 45.07 6.88
N GLU D 16 21.62 45.47 7.68
CA GLU D 16 21.44 46.87 8.09
C GLU D 16 21.24 46.82 9.60
N ASN D 17 22.23 47.33 10.34
CA ASN D 17 22.14 47.32 11.80
C ASN D 17 20.77 47.72 12.36
N GLY D 18 20.29 46.95 13.33
CA GLY D 18 19.01 47.25 13.93
C GLY D 18 17.82 46.77 13.11
N LYS D 19 18.05 46.44 11.85
CA LYS D 19 16.97 45.94 11.01
C LYS D 19 16.90 44.41 11.10
N SER D 20 15.69 43.89 11.29
CA SER D 20 15.49 42.46 11.41
C SER D 20 15.97 41.76 10.13
N ASN D 21 16.51 40.55 10.30
CA ASN D 21 17.02 39.78 9.18
C ASN D 21 16.98 38.29 9.50
N PHE D 22 17.77 37.53 8.75
CA PHE D 22 17.85 36.08 8.94
C PHE D 22 19.27 35.64 8.65
N LEU D 23 19.82 34.84 9.56
CA LEU D 23 21.16 34.33 9.37
C LEU D 23 21.00 32.90 8.83
N ASN D 24 21.63 32.60 7.71
CA ASN D 24 21.52 31.26 7.14
C ASN D 24 22.88 30.55 7.04
N CYS D 25 22.84 29.25 7.25
CA CYS D 25 24.02 28.42 7.12
C CYS D 25 23.57 27.25 6.28
N TYR D 26 24.11 27.20 5.06
CA TYR D 26 23.75 26.14 4.11
C TYR D 26 24.88 25.12 4.00
N VAL D 27 24.63 23.90 4.46
CA VAL D 27 25.64 22.87 4.37
C VAL D 27 25.23 21.97 3.23
N SER D 28 26.19 21.55 2.41
CA SER D 28 25.85 20.69 1.27
C SER D 28 27.05 19.88 0.76
N GLY D 29 26.76 18.98 -0.20
CA GLY D 29 27.78 18.14 -0.80
C GLY D 29 28.46 17.16 0.14
N PHE D 30 27.81 16.85 1.26
CA PHE D 30 28.38 15.92 2.24
C PHE D 30 27.73 14.54 2.25
N HIS D 31 28.46 13.57 2.82
CA HIS D 31 28.00 12.19 2.93
C HIS D 31 28.89 11.40 3.88
N PRO D 32 28.28 10.64 4.82
CA PRO D 32 26.86 10.42 5.10
C PRO D 32 26.11 11.63 5.63
N SER D 33 24.82 11.47 5.89
CA SER D 33 23.99 12.59 6.33
C SER D 33 24.11 13.06 7.77
N ASP D 34 24.63 12.22 8.67
CA ASP D 34 24.77 12.62 10.06
C ASP D 34 25.70 13.82 10.13
N ILE D 35 25.11 14.95 10.49
CA ILE D 35 25.84 16.20 10.57
C ILE D 35 25.25 17.05 11.69
N GLU D 36 26.09 17.86 12.33
CA GLU D 36 25.58 18.72 13.38
C GLU D 36 26.01 20.16 13.07
N VAL D 37 25.01 21.04 13.02
CA VAL D 37 25.22 22.44 12.69
C VAL D 37 24.73 23.39 13.78
N ASP D 38 25.58 24.37 14.10
CA ASP D 38 25.24 25.36 15.12
C ASP D 38 25.50 26.77 14.58
N LEU D 39 24.59 27.67 14.91
CA LEU D 39 24.75 29.06 14.51
C LEU D 39 25.30 29.74 15.74
N LEU D 40 26.36 30.52 15.59
CA LEU D 40 27.00 31.19 16.73
C LEU D 40 26.84 32.70 16.78
N LYS D 41 26.61 33.22 17.98
CA LYS D 41 26.48 34.67 18.21
C LYS D 41 27.56 35.06 19.22
N ASN D 42 28.75 35.36 18.69
CA ASN D 42 29.90 35.72 19.52
C ASN D 42 30.35 34.49 20.30
N GLY D 43 30.45 33.35 19.61
CA GLY D 43 30.88 32.14 20.26
C GLY D 43 29.76 31.39 20.97
N GLU D 44 28.72 32.11 21.37
CA GLU D 44 27.59 31.49 22.07
C GLU D 44 26.63 30.81 21.11
N ARG D 45 26.52 29.50 21.20
CA ARG D 45 25.62 28.77 20.31
C ARG D 45 24.21 29.33 20.50
N ILE D 46 23.61 29.72 19.39
CA ILE D 46 22.26 30.27 19.41
C ILE D 46 21.26 29.14 19.48
N GLU D 47 20.23 29.31 20.29
CA GLU D 47 19.19 28.31 20.40
C GLU D 47 18.02 28.88 19.63
N LYS D 48 16.99 28.08 19.42
CA LYS D 48 15.82 28.52 18.66
C LYS D 48 16.24 28.75 17.20
N VAL D 49 16.96 27.78 16.64
CA VAL D 49 17.43 27.84 15.26
C VAL D 49 16.60 26.85 14.44
N GLU D 50 16.15 27.27 13.25
CA GLU D 50 15.36 26.37 12.40
C GLU D 50 16.21 25.71 11.31
N HIS D 51 15.69 24.65 10.71
CA HIS D 51 16.39 23.96 9.63
C HIS D 51 15.43 23.37 8.62
N SER D 52 15.85 23.33 7.37
CA SER D 52 15.00 22.77 6.32
C SER D 52 15.04 21.26 6.53
N ASP D 53 14.46 20.52 5.61
CA ASP D 53 14.47 19.06 5.70
C ASP D 53 15.70 18.54 4.97
N LEU D 54 16.31 17.49 5.53
CA LEU D 54 17.47 16.89 4.92
C LEU D 54 17.06 16.41 3.54
N SER D 55 17.87 16.74 2.54
CA SER D 55 17.61 16.31 1.18
C SER D 55 18.95 16.00 0.51
N PHE D 56 18.93 15.62 -0.76
CA PHE D 56 20.18 15.32 -1.45
C PHE D 56 20.08 15.62 -2.94
N SER D 57 21.23 15.83 -3.57
CA SER D 57 21.29 16.14 -4.99
C SER D 57 21.61 14.93 -5.88
N LYS D 58 21.67 15.17 -7.19
CA LYS D 58 21.94 14.13 -8.17
C LYS D 58 23.10 13.22 -7.79
N ASP D 59 24.16 13.79 -7.26
CA ASP D 59 25.34 13.00 -6.90
C ASP D 59 25.22 12.27 -5.55
N TRP D 60 23.99 12.21 -5.06
CA TRP D 60 23.67 11.57 -3.79
C TRP D 60 24.18 12.32 -2.57
N SER D 61 24.82 13.46 -2.77
CA SER D 61 25.31 14.21 -1.60
C SER D 61 24.12 14.92 -0.93
N PHE D 62 24.23 15.10 0.39
CA PHE D 62 23.16 15.73 1.16
C PHE D 62 23.32 17.23 1.35
N TYR D 63 22.21 17.92 1.56
CA TYR D 63 22.22 19.35 1.79
C TYR D 63 21.12 19.68 2.78
N LEU D 64 21.48 20.58 3.70
CA LEU D 64 20.60 21.02 4.77
C LEU D 64 20.76 22.53 5.00
N LEU D 65 19.65 23.21 5.25
CA LEU D 65 19.69 24.63 5.51
C LEU D 65 19.34 24.98 6.96
N TYR D 66 20.17 25.80 7.60
CA TYR D 66 19.93 26.20 8.97
C TYR D 66 19.76 27.72 9.00
N TYR D 67 18.71 28.19 9.67
CA TYR D 67 18.44 29.63 9.72
C TYR D 67 17.72 30.14 10.96
N THR D 68 18.02 31.39 11.32
CA THR D 68 17.41 32.05 12.48
C THR D 68 17.10 33.51 12.19
N GLU D 69 16.00 33.99 12.78
CA GLU D 69 15.62 35.37 12.65
C GLU D 69 16.59 36.06 13.60
N PHE D 70 17.02 37.26 13.26
CA PHE D 70 17.94 37.98 14.12
C PHE D 70 18.14 39.42 13.68
N THR D 71 18.58 40.26 14.62
CA THR D 71 18.83 41.65 14.31
C THR D 71 20.29 41.94 14.65
N PRO D 72 21.09 42.24 13.62
CA PRO D 72 22.51 42.53 13.82
C PRO D 72 22.78 43.90 14.42
N THR D 73 24.03 44.07 14.87
CA THR D 73 24.50 45.33 15.45
C THR D 73 25.95 45.44 15.02
N GLU D 74 26.69 46.38 15.58
CA GLU D 74 28.09 46.52 15.22
C GLU D 74 29.01 45.67 16.10
N LYS D 75 28.57 45.46 17.33
CA LYS D 75 29.36 44.68 18.28
C LYS D 75 29.19 43.18 18.06
N ASP D 76 28.05 42.81 17.48
CA ASP D 76 27.72 41.40 17.23
C ASP D 76 28.47 40.68 16.10
N GLU D 77 28.93 39.47 16.40
CA GLU D 77 29.66 38.62 15.46
C GLU D 77 28.87 37.31 15.31
N TYR D 78 28.74 36.82 14.09
CA TYR D 78 28.02 35.57 13.87
C TYR D 78 28.83 34.62 13.03
N ALA D 79 28.63 33.33 13.26
CA ALA D 79 29.33 32.30 12.52
C ALA D 79 28.51 31.02 12.54
N CYS D 80 28.99 30.03 11.78
CA CYS D 80 28.34 28.74 11.72
C CYS D 80 29.38 27.71 12.13
N ARG D 81 28.98 26.78 13.00
CA ARG D 81 29.88 25.73 13.45
C ARG D 81 29.37 24.38 12.97
N VAL D 82 30.21 23.72 12.18
CA VAL D 82 29.83 22.44 11.61
C VAL D 82 30.77 21.29 11.93
N ASN D 83 30.18 20.17 12.31
CA ASN D 83 30.96 18.97 12.56
C ASN D 83 30.34 17.80 11.77
N HIS D 84 31.23 16.98 11.24
CA HIS D 84 30.83 15.86 10.43
C HIS D 84 31.90 14.78 10.61
N VAL D 85 31.57 13.55 10.27
CA VAL D 85 32.53 12.45 10.41
C VAL D 85 33.81 12.71 9.60
N THR D 86 33.71 13.46 8.51
CA THR D 86 34.90 13.75 7.69
C THR D 86 35.79 14.85 8.29
N LEU D 87 35.33 15.45 9.39
CA LEU D 87 36.09 16.53 10.05
C LEU D 87 36.63 16.15 11.42
N SER D 88 37.92 16.41 11.61
CA SER D 88 38.61 16.14 12.87
C SER D 88 37.90 16.87 14.02
N GLN D 89 37.90 18.21 13.95
CA GLN D 89 37.21 19.02 14.96
C GLN D 89 36.19 19.91 14.25
N PRO D 90 35.24 20.49 15.00
CA PRO D 90 34.26 21.34 14.33
C PRO D 90 34.90 22.43 13.49
N LYS D 91 34.31 22.73 12.34
CA LYS D 91 34.83 23.79 11.49
C LYS D 91 33.93 24.99 11.73
N ILE D 92 34.53 26.17 11.76
CA ILE D 92 33.76 27.38 11.98
C ILE D 92 33.94 28.34 10.81
N VAL D 93 32.82 28.80 10.26
CA VAL D 93 32.88 29.77 9.16
C VAL D 93 32.18 31.00 9.69
N LYS D 94 32.88 32.13 9.63
CA LYS D 94 32.32 33.39 10.12
C LYS D 94 31.37 34.00 9.10
N TRP D 95 30.37 34.72 9.60
CA TRP D 95 29.44 35.39 8.72
C TRP D 95 30.09 36.70 8.26
N ASP D 96 30.33 36.83 6.96
CA ASP D 96 30.93 38.04 6.41
C ASP D 96 29.75 39.00 6.21
N ARG D 97 29.72 40.09 6.96
CA ARG D 97 28.61 41.04 6.85
C ARG D 97 28.26 41.47 5.42
N ASP D 98 29.20 41.31 4.50
CA ASP D 98 28.96 41.69 3.10
C ASP D 98 28.16 40.63 2.31
N MET D 99 27.89 39.49 2.93
CA MET D 99 27.18 38.38 2.28
C MET D 99 25.80 38.05 2.86
#